data_1BJW
#
_entry.id   1BJW
#
_cell.length_a   61.600
_cell.length_b   113.860
_cell.length_c   124.400
_cell.angle_alpha   90.00
_cell.angle_beta   90.00
_cell.angle_gamma   90.00
#
_symmetry.space_group_name_H-M   'P 21 21 21'
#
loop_
_entity.id
_entity.type
_entity.pdbx_description
1 polymer 'ASPARTATE AMINOTRANSFERASE'
2 non-polymer 'PHOSPHATE ION'
3 water water
#
_entity_poly.entity_id   1
_entity_poly.type   'polypeptide(L)'
_entity_poly.pdbx_seq_one_letter_code
;MRGLSRRVQAMKPSATVAVNAKALELRRQGVDLVALTAGEPDFDTPEHVKEAARRALAQGKTKYAPPAGIPELREALAEK
FRRENGLSVTPEETIVTVGGKQALFNLFQAILDPGDEVIVLSPYWVSYPEMVRFAGGVVVEVETLPEEGFVPDPERVRRA
ITPRTKALVVNSPNNPTGAVYPKEVLEALARLAVEHDFYLVSDEIYEHLLYEGEHFSPGRVAPEHTLTVNGAA(LLP)AF
AMTGWRIGYACGPKEVIKAMASVSSQSTTSPDTIAQWATLEALTNQEASRAFVEMAREAYRRRRDLLLEGLTALGLKAVR
PSGAFYVLMDTSPIAPDEVRAAERLLEAGVAVVPGTDFAAFGHVRLSYATSEENLRKALERFARVL
;
_entity_poly.pdbx_strand_id   A,B
#
loop_
_chem_comp.id
_chem_comp.type
_chem_comp.name
_chem_comp.formula
PO4 non-polymer 'PHOSPHATE ION' 'O4 P -3'
#
# COMPACT_ATOMS: atom_id res chain seq x y z
N MET A 1 -5.16 27.26 -5.94
CA MET A 1 -4.64 27.43 -4.55
C MET A 1 -3.92 26.21 -3.97
N ARG A 2 -3.17 26.40 -2.88
CA ARG A 2 -2.46 25.33 -2.23
C ARG A 2 -3.07 25.03 -0.88
N GLY A 3 -2.68 23.91 -0.29
CA GLY A 3 -3.21 23.55 1.01
C GLY A 3 -3.57 22.08 1.10
N LEU A 4 -3.73 21.62 2.34
CA LEU A 4 -4.09 20.24 2.63
C LEU A 4 -5.61 20.02 2.64
N SER A 5 -6.01 18.80 2.37
CA SER A 5 -7.41 18.43 2.33
C SER A 5 -7.96 18.37 3.74
N ARG A 6 -9.27 18.52 3.86
CA ARG A 6 -9.91 18.46 5.15
C ARG A 6 -9.82 17.04 5.76
N ARG A 7 -9.78 15.99 4.95
CA ARG A 7 -9.69 14.64 5.51
C ARG A 7 -8.37 14.38 6.24
N VAL A 8 -7.28 14.97 5.75
CA VAL A 8 -5.96 14.79 6.35
C VAL A 8 -5.85 15.62 7.64
N GLN A 9 -6.48 16.80 7.62
CA GLN A 9 -6.48 17.71 8.76
C GLN A 9 -7.44 17.21 9.84
N ALA A 10 -8.42 16.41 9.45
CA ALA A 10 -9.40 15.86 10.38
C ALA A 10 -8.82 14.78 11.30
N MET A 11 -7.58 14.37 11.04
CA MET A 11 -6.94 13.34 11.85
C MET A 11 -6.48 13.87 13.22
N LYS A 12 -6.84 13.12 14.27
CA LYS A 12 -6.53 13.47 15.65
C LYS A 12 -5.09 13.20 16.15
N PRO A 13 -4.64 13.97 17.18
CA PRO A 13 -3.30 13.83 17.77
C PRO A 13 -3.27 12.73 18.84
N SER A 14 -2.41 11.74 18.59
CA SER A 14 -2.23 10.58 19.46
C SER A 14 -1.64 10.84 20.87
N ALA A 15 -2.20 10.19 21.89
CA ALA A 15 -1.73 10.30 23.27
C ALA A 15 -0.49 9.42 23.45
N THR A 16 -0.38 8.42 22.57
CA THR A 16 0.74 7.49 22.53
C THR A 16 1.99 8.27 22.09
N VAL A 17 1.76 9.34 21.31
CA VAL A 17 2.84 10.17 20.79
C VAL A 17 3.55 11.03 21.83
N ALA A 18 2.80 11.56 22.78
CA ALA A 18 3.36 12.41 23.83
C ALA A 18 4.22 11.68 24.90
N VAL A 19 3.81 10.47 25.26
CA VAL A 19 4.52 9.67 26.23
C VAL A 19 5.79 9.17 25.54
N ASN A 20 5.65 8.83 24.25
CA ASN A 20 6.76 8.31 23.44
C ASN A 20 7.90 9.30 23.27
N ALA A 21 7.55 10.58 23.15
CA ALA A 21 8.53 11.63 23.03
C ALA A 21 9.25 11.78 24.37
N LYS A 22 8.53 11.53 25.46
CA LYS A 22 9.07 11.60 26.82
C LYS A 22 10.04 10.43 27.03
N ALA A 23 9.69 9.28 26.44
CA ALA A 23 10.47 8.05 26.50
C ALA A 23 11.74 8.20 25.68
N LEU A 24 11.64 8.89 24.57
CA LEU A 24 12.78 9.11 23.71
C LEU A 24 13.75 10.01 24.46
N GLU A 25 13.18 10.99 25.15
CA GLU A 25 13.97 11.92 25.93
C GLU A 25 14.75 11.15 26.97
N LEU A 26 14.03 10.37 27.77
CA LEU A 26 14.62 9.59 28.83
C LEU A 26 15.70 8.66 28.29
N ARG A 27 15.43 8.02 27.15
CA ARG A 27 16.41 7.13 26.56
C ARG A 27 17.62 7.91 26.09
N ARG A 28 17.40 9.18 25.73
CA ARG A 28 18.49 10.02 25.28
C ARG A 28 19.43 10.30 26.45
N GLN A 29 18.85 10.64 27.60
CA GLN A 29 19.63 10.89 28.80
C GLN A 29 20.09 9.59 29.48
N GLY A 30 20.49 8.63 28.64
CA GLY A 30 20.97 7.34 29.10
C GLY A 30 19.96 6.34 29.63
N VAL A 31 18.97 6.81 30.39
CA VAL A 31 17.96 5.96 31.03
C VAL A 31 17.62 4.66 30.33
N ASP A 32 17.59 3.60 31.13
CA ASP A 32 17.25 2.28 30.63
C ASP A 32 15.75 2.09 30.85
N LEU A 33 15.07 1.76 29.76
CA LEU A 33 13.65 1.53 29.82
C LEU A 33 13.36 0.13 29.33
N VAL A 34 12.48 -0.54 30.03
CA VAL A 34 12.06 -1.88 29.62
C VAL A 34 10.75 -1.56 28.89
N ALA A 35 10.71 -1.81 27.60
CA ALA A 35 9.50 -1.54 26.81
C ALA A 35 8.52 -2.73 26.78
N LEU A 36 7.28 -2.46 27.15
CA LEU A 36 6.19 -3.43 27.12
C LEU A 36 5.20 -2.79 26.15
N THR A 37 5.72 -2.28 25.05
CA THR A 37 4.87 -1.57 24.11
C THR A 37 4.60 -2.26 22.79
N ALA A 38 5.43 -3.24 22.45
CA ALA A 38 5.36 -3.97 21.17
C ALA A 38 4.01 -4.41 20.62
N GLY A 39 3.81 -4.16 19.32
CA GLY A 39 2.58 -4.55 18.66
C GLY A 39 2.87 -5.65 17.66
N GLU A 40 4.04 -6.26 17.78
CA GLU A 40 4.46 -7.29 16.87
C GLU A 40 5.24 -8.37 17.61
N PRO A 41 5.30 -9.61 17.06
CA PRO A 41 6.04 -10.68 17.72
C PRO A 41 7.52 -10.35 17.90
N ASP A 42 8.14 -10.91 18.94
CA ASP A 42 9.56 -10.70 19.20
C ASP A 42 10.40 -11.69 18.35
N PHE A 43 9.78 -12.82 18.02
CA PHE A 43 10.39 -13.84 17.20
C PHE A 43 10.69 -13.37 15.79
N ASP A 44 11.77 -13.88 15.19
CA ASP A 44 12.10 -13.53 13.81
C ASP A 44 11.21 -14.41 12.92
N THR A 45 11.04 -14.05 11.65
CA THR A 45 10.22 -14.89 10.80
C THR A 45 10.92 -16.20 10.56
N PRO A 46 10.16 -17.31 10.64
CA PRO A 46 10.62 -18.68 10.44
C PRO A 46 11.44 -18.93 9.18
N GLU A 47 12.46 -19.78 9.32
CA GLU A 47 13.37 -20.10 8.22
C GLU A 47 12.79 -20.59 6.89
N HIS A 48 11.72 -21.38 6.94
CA HIS A 48 11.11 -21.87 5.70
C HIS A 48 10.55 -20.74 4.85
N VAL A 49 9.96 -19.73 5.50
CA VAL A 49 9.42 -18.58 4.76
C VAL A 49 10.58 -17.78 4.16
N LYS A 50 11.64 -17.59 4.97
CA LYS A 50 12.82 -16.87 4.50
C LYS A 50 13.40 -17.58 3.30
N GLU A 51 13.46 -18.91 3.37
CA GLU A 51 14.01 -19.68 2.26
C GLU A 51 13.18 -19.57 0.98
N ALA A 52 11.85 -19.52 1.12
CA ALA A 52 10.92 -19.39 -0.01
C ALA A 52 11.13 -18.03 -0.68
N ALA A 53 11.44 -16.99 0.09
CA ALA A 53 11.72 -15.67 -0.45
C ALA A 53 13.07 -15.69 -1.20
N ARG A 54 14.08 -16.37 -0.67
CA ARG A 54 15.34 -16.44 -1.40
C ARG A 54 15.13 -17.15 -2.72
N ARG A 55 14.26 -18.17 -2.77
CA ARG A 55 14.00 -18.91 -3.99
C ARG A 55 13.36 -18.01 -5.04
N ALA A 56 12.39 -17.19 -4.63
CA ALA A 56 11.73 -16.28 -5.55
C ALA A 56 12.74 -15.29 -6.10
N LEU A 57 13.70 -14.87 -5.29
CA LEU A 57 14.73 -13.93 -5.76
C LEU A 57 15.62 -14.57 -6.82
N ALA A 58 16.03 -15.81 -6.55
CA ALA A 58 16.90 -16.55 -7.45
C ALA A 58 16.13 -16.91 -8.76
N GLN A 59 14.81 -16.99 -8.68
CA GLN A 59 14.01 -17.30 -9.86
C GLN A 59 13.56 -16.06 -10.64
N GLY A 60 13.90 -14.87 -10.17
CA GLY A 60 13.50 -13.67 -10.86
C GLY A 60 12.04 -13.26 -10.70
N LYS A 61 11.42 -13.63 -9.59
CA LYS A 61 10.02 -13.26 -9.35
C LYS A 61 9.96 -11.85 -8.76
N THR A 62 10.39 -10.89 -9.58
CA THR A 62 10.50 -9.48 -9.17
C THR A 62 9.65 -8.52 -10.03
N LYS A 63 8.67 -9.06 -10.75
CA LYS A 63 7.79 -8.28 -11.64
C LYS A 63 6.43 -8.01 -11.02
N TYR A 64 5.64 -7.15 -11.67
CA TYR A 64 4.30 -6.82 -11.18
C TYR A 64 3.41 -8.06 -11.05
N ALA A 65 2.64 -8.09 -9.98
CA ALA A 65 1.70 -9.18 -9.70
C ALA A 65 0.31 -8.57 -9.92
N PRO A 66 -0.72 -9.42 -10.14
CA PRO A 66 -2.11 -8.99 -10.35
C PRO A 66 -2.55 -8.23 -9.09
N PRO A 67 -3.44 -7.24 -9.24
CA PRO A 67 -3.96 -6.42 -8.13
C PRO A 67 -4.53 -7.17 -6.93
N ALA A 68 -5.18 -8.31 -7.18
CA ALA A 68 -5.78 -9.09 -6.09
C ALA A 68 -4.82 -10.12 -5.57
N GLY A 69 -3.65 -10.22 -6.17
CA GLY A 69 -2.65 -11.16 -5.73
C GLY A 69 -2.33 -12.26 -6.71
N ILE A 70 -1.18 -12.89 -6.52
CA ILE A 70 -0.71 -14.01 -7.32
C ILE A 70 -1.78 -15.13 -7.25
N PRO A 71 -2.09 -15.78 -8.38
CA PRO A 71 -3.11 -16.84 -8.40
C PRO A 71 -2.84 -18.01 -7.46
N GLU A 72 -1.58 -18.38 -7.39
CA GLU A 72 -1.14 -19.47 -6.52
C GLU A 72 -1.54 -19.15 -5.09
N LEU A 73 -1.40 -17.88 -4.68
CA LEU A 73 -1.74 -17.45 -3.32
C LEU A 73 -3.26 -17.37 -3.08
N ARG A 74 -4.01 -16.91 -4.06
CA ARG A 74 -5.45 -16.82 -3.89
C ARG A 74 -6.01 -18.23 -3.70
N GLU A 75 -5.42 -19.20 -4.39
CA GLU A 75 -5.84 -20.59 -4.27
C GLU A 75 -5.59 -21.14 -2.88
N ALA A 76 -4.36 -20.94 -2.38
CA ALA A 76 -3.99 -21.40 -1.05
C ALA A 76 -4.77 -20.66 0.04
N LEU A 77 -5.21 -19.44 -0.26
CA LEU A 77 -6.03 -18.66 0.67
C LEU A 77 -7.41 -19.32 0.77
N ALA A 78 -7.95 -19.76 -0.36
CA ALA A 78 -9.26 -20.42 -0.36
C ALA A 78 -9.20 -21.69 0.50
N GLU A 79 -8.09 -22.44 0.40
CA GLU A 79 -7.91 -23.67 1.18
C GLU A 79 -7.79 -23.35 2.67
N LYS A 80 -7.06 -22.27 2.98
CA LYS A 80 -6.87 -21.87 4.36
C LYS A 80 -8.20 -21.48 4.99
N PHE A 81 -8.93 -20.61 4.33
CA PHE A 81 -10.22 -20.17 4.88
C PHE A 81 -11.20 -21.30 5.05
N ARG A 82 -11.15 -22.28 4.16
CA ARG A 82 -12.06 -23.40 4.26
C ARG A 82 -11.61 -24.39 5.34
N ARG A 83 -10.37 -24.84 5.24
CA ARG A 83 -9.80 -25.77 6.20
C ARG A 83 -9.77 -25.24 7.62
N GLU A 84 -9.15 -24.09 7.82
CA GLU A 84 -9.01 -23.50 9.16
C GLU A 84 -10.20 -22.77 9.74
N ASN A 85 -11.00 -22.10 8.90
CA ASN A 85 -12.14 -21.33 9.40
C ASN A 85 -13.53 -21.86 9.05
N GLY A 86 -13.59 -22.91 8.24
CA GLY A 86 -14.88 -23.46 7.86
C GLY A 86 -15.61 -22.53 6.91
N LEU A 87 -14.83 -21.80 6.13
CA LEU A 87 -15.36 -20.84 5.16
C LEU A 87 -15.36 -21.43 3.74
N SER A 88 -16.53 -21.42 3.11
CA SER A 88 -16.65 -21.94 1.74
C SER A 88 -16.47 -20.77 0.80
N VAL A 89 -15.23 -20.53 0.43
CA VAL A 89 -14.93 -19.44 -0.47
C VAL A 89 -14.16 -19.95 -1.66
N THR A 90 -14.26 -19.23 -2.78
CA THR A 90 -13.51 -19.55 -3.97
C THR A 90 -12.33 -18.60 -4.04
N PRO A 91 -11.28 -18.95 -4.81
CA PRO A 91 -10.12 -18.07 -4.93
C PRO A 91 -10.52 -16.68 -5.39
N GLU A 92 -11.63 -16.56 -6.11
CA GLU A 92 -12.07 -15.25 -6.60
C GLU A 92 -12.75 -14.40 -5.55
N GLU A 93 -12.95 -14.97 -4.36
CA GLU A 93 -13.58 -14.27 -3.23
C GLU A 93 -12.50 -14.04 -2.18
N THR A 94 -11.28 -14.11 -2.66
CA THR A 94 -10.06 -13.96 -1.89
C THR A 94 -9.17 -12.79 -2.42
N ILE A 95 -8.52 -12.05 -1.53
CA ILE A 95 -7.67 -10.95 -1.98
C ILE A 95 -6.39 -10.81 -1.09
N VAL A 96 -5.25 -10.49 -1.71
CA VAL A 96 -3.97 -10.30 -1.00
C VAL A 96 -3.72 -8.79 -0.97
N THR A 97 -3.39 -8.28 0.22
CA THR A 97 -3.19 -6.84 0.43
C THR A 97 -1.87 -6.49 1.15
N VAL A 98 -1.54 -5.20 1.21
CA VAL A 98 -0.32 -4.73 1.87
C VAL A 98 -0.65 -4.65 3.36
N GLY A 99 -0.59 -5.84 3.98
CA GLY A 99 -0.93 -6.02 5.37
C GLY A 99 -2.44 -6.07 5.59
N GLY A 100 -2.85 -6.58 6.74
CA GLY A 100 -4.26 -6.63 7.06
C GLY A 100 -4.81 -5.21 7.13
N LYS A 101 -3.97 -4.23 7.47
CA LYS A 101 -4.46 -2.86 7.56
C LYS A 101 -4.98 -2.33 6.23
N GLN A 102 -4.35 -2.73 5.13
CA GLN A 102 -4.77 -2.24 3.82
C GLN A 102 -6.07 -2.86 3.44
N ALA A 103 -6.27 -4.09 3.88
CA ALA A 103 -7.50 -4.82 3.59
C ALA A 103 -8.67 -4.03 4.19
N LEU A 104 -8.50 -3.55 5.43
CA LEU A 104 -9.52 -2.78 6.12
C LEU A 104 -9.71 -1.43 5.48
N PHE A 105 -8.60 -0.79 5.10
CA PHE A 105 -8.67 0.53 4.50
C PHE A 105 -9.41 0.51 3.12
N ASN A 106 -9.08 -0.47 2.29
CA ASN A 106 -9.64 -0.64 0.98
C ASN A 106 -11.11 -0.97 1.08
N LEU A 107 -11.47 -1.69 2.13
CA LEU A 107 -12.86 -2.07 2.37
C LEU A 107 -13.73 -0.88 2.71
N PHE A 108 -13.26 -0.01 3.61
CA PHE A 108 -14.05 1.15 3.96
C PHE A 108 -14.15 2.10 2.79
N GLN A 109 -13.10 2.18 1.97
CA GLN A 109 -13.14 3.03 0.79
C GLN A 109 -14.15 2.46 -0.20
N ALA A 110 -14.26 1.14 -0.24
CA ALA A 110 -15.18 0.49 -1.16
C ALA A 110 -16.63 0.42 -0.69
N ILE A 111 -16.89 0.62 0.59
CA ILE A 111 -18.26 0.52 1.07
C ILE A 111 -18.84 1.72 1.78
N LEU A 112 -18.01 2.69 2.17
CA LEU A 112 -18.55 3.84 2.87
C LEU A 112 -18.70 5.15 2.11
N ASP A 113 -19.95 5.65 2.07
CA ASP A 113 -20.26 6.94 1.47
C ASP A 113 -20.33 7.87 2.64
N PRO A 114 -20.05 9.15 2.41
CA PRO A 114 -20.09 10.11 3.50
C PRO A 114 -21.43 10.04 4.25
N GLY A 115 -21.36 9.87 5.57
CA GLY A 115 -22.55 9.80 6.39
C GLY A 115 -22.85 8.42 6.93
N ASP A 116 -22.38 7.40 6.25
CA ASP A 116 -22.61 6.04 6.70
C ASP A 116 -21.97 5.82 8.07
N GLU A 117 -22.65 5.02 8.89
CA GLU A 117 -22.21 4.71 10.24
C GLU A 117 -21.56 3.33 10.34
N VAL A 118 -20.48 3.27 11.10
CA VAL A 118 -19.77 2.01 11.33
C VAL A 118 -19.74 1.86 12.85
N ILE A 119 -20.26 0.75 13.35
CA ILE A 119 -20.23 0.54 14.77
C ILE A 119 -18.90 -0.13 15.17
N VAL A 120 -18.22 0.49 16.12
CA VAL A 120 -16.95 -0.03 16.61
C VAL A 120 -17.07 -0.34 18.11
N LEU A 121 -16.57 -1.51 18.51
CA LEU A 121 -16.59 -1.95 19.92
C LEU A 121 -15.36 -1.46 20.72
N SER A 122 -15.59 -0.66 21.75
CA SER A 122 -14.47 -0.15 22.55
C SER A 122 -14.26 -1.03 23.79
N PRO A 123 -12.97 -1.24 24.21
CA PRO A 123 -11.74 -0.72 23.61
C PRO A 123 -11.47 -1.27 22.21
N TYR A 124 -10.93 -0.42 21.35
CA TYR A 124 -10.64 -0.81 19.97
C TYR A 124 -9.23 -0.48 19.51
N TRP A 125 -8.81 -1.17 18.46
CA TRP A 125 -7.52 -0.93 17.83
C TRP A 125 -7.57 0.51 17.31
N VAL A 126 -6.51 1.27 17.54
CA VAL A 126 -6.44 2.67 17.19
C VAL A 126 -6.88 3.05 15.76
N SER A 127 -6.50 2.21 14.80
CA SER A 127 -6.77 2.45 13.39
C SER A 127 -8.22 2.40 12.87
N TYR A 128 -9.12 1.69 13.57
CA TYR A 128 -10.49 1.57 13.09
C TYR A 128 -11.20 2.89 12.90
N PRO A 129 -11.31 3.70 13.97
CA PRO A 129 -12.00 4.97 13.79
C PRO A 129 -11.35 5.91 12.78
N GLU A 130 -10.01 5.85 12.67
CA GLU A 130 -9.29 6.70 11.72
C GLU A 130 -9.66 6.35 10.29
N MET A 131 -9.69 5.05 9.98
CA MET A 131 -10.02 4.53 8.65
C MET A 131 -11.46 4.85 8.24
N VAL A 132 -12.37 4.74 9.20
CA VAL A 132 -13.79 5.03 8.97
C VAL A 132 -13.98 6.52 8.65
N ARG A 133 -13.45 7.40 9.49
CA ARG A 133 -13.56 8.85 9.27
C ARG A 133 -12.87 9.36 8.02
N PHE A 134 -11.72 8.77 7.69
CA PHE A 134 -10.97 9.20 6.53
C PHE A 134 -11.81 8.97 5.26
N ALA A 135 -12.68 7.95 5.26
CA ALA A 135 -13.54 7.65 4.13
C ALA A 135 -14.92 8.33 4.14
N GLY A 136 -15.13 9.27 5.06
CA GLY A 136 -16.41 9.97 5.17
C GLY A 136 -17.38 9.38 6.20
N GLY A 137 -17.05 8.18 6.70
CA GLY A 137 -17.87 7.51 7.70
C GLY A 137 -17.97 8.16 9.09
N VAL A 138 -19.00 7.75 9.81
CA VAL A 138 -19.26 8.29 11.13
C VAL A 138 -19.08 7.14 12.09
N VAL A 139 -18.24 7.33 13.09
CA VAL A 139 -18.02 6.26 14.05
C VAL A 139 -19.10 6.24 15.13
N VAL A 140 -19.63 5.06 15.40
CA VAL A 140 -20.64 4.87 16.43
C VAL A 140 -20.02 3.86 17.40
N GLU A 141 -19.65 4.34 18.58
CA GLU A 141 -18.99 3.53 19.61
C GLU A 141 -19.89 2.77 20.57
N VAL A 142 -19.64 1.47 20.71
CA VAL A 142 -20.38 0.61 21.62
C VAL A 142 -19.36 0.07 22.59
N GLU A 143 -19.51 0.45 23.86
CA GLU A 143 -18.60 0.06 24.92
C GLU A 143 -18.69 -1.39 25.39
N THR A 144 -17.55 -2.01 25.68
CA THR A 144 -17.56 -3.34 26.23
C THR A 144 -17.00 -3.12 27.65
N LEU A 145 -17.49 -3.90 28.60
CA LEU A 145 -17.11 -3.71 30.00
C LEU A 145 -16.13 -4.69 30.61
N PRO A 146 -15.21 -4.17 31.44
CA PRO A 146 -14.21 -5.03 32.09
C PRO A 146 -14.95 -6.06 32.95
N GLU A 147 -16.06 -5.65 33.57
CA GLU A 147 -16.87 -6.54 34.41
C GLU A 147 -17.42 -7.72 33.61
N GLU A 148 -17.57 -7.55 32.30
CA GLU A 148 -18.07 -8.63 31.42
C GLU A 148 -16.92 -9.24 30.62
N GLY A 149 -15.69 -9.00 31.08
CA GLY A 149 -14.50 -9.53 30.43
C GLY A 149 -14.29 -8.96 29.05
N PHE A 150 -14.79 -7.75 28.84
CA PHE A 150 -14.70 -7.07 27.54
C PHE A 150 -15.38 -7.80 26.37
N VAL A 151 -16.38 -8.63 26.65
CA VAL A 151 -17.12 -9.36 25.61
C VAL A 151 -18.36 -8.51 25.33
N PRO A 152 -18.65 -8.21 24.05
CA PRO A 152 -19.84 -7.38 23.80
C PRO A 152 -21.16 -8.07 24.07
N ASP A 153 -22.15 -7.26 24.44
CA ASP A 153 -23.51 -7.72 24.70
C ASP A 153 -24.27 -7.38 23.40
N PRO A 154 -24.82 -8.40 22.72
CA PRO A 154 -25.55 -8.11 21.48
C PRO A 154 -26.63 -7.06 21.70
N GLU A 155 -27.19 -7.04 22.91
CA GLU A 155 -28.23 -6.08 23.25
C GLU A 155 -27.79 -4.65 23.17
N ARG A 156 -26.60 -4.35 23.69
CA ARG A 156 -26.09 -3.00 23.62
C ARG A 156 -25.78 -2.65 22.17
N VAL A 157 -25.34 -3.65 21.40
CA VAL A 157 -25.03 -3.44 19.99
C VAL A 157 -26.35 -3.13 19.25
N ARG A 158 -27.39 -3.91 19.52
CA ARG A 158 -28.69 -3.70 18.90
C ARG A 158 -29.18 -2.28 19.10
N ARG A 159 -29.01 -1.74 20.29
CA ARG A 159 -29.47 -0.39 20.58
C ARG A 159 -28.81 0.68 19.74
N ALA A 160 -27.64 0.37 19.20
CA ALA A 160 -26.86 1.33 18.38
C ALA A 160 -27.14 1.35 16.87
N ILE A 161 -27.81 0.32 16.36
CA ILE A 161 -28.13 0.24 14.96
C ILE A 161 -29.18 1.30 14.53
N THR A 162 -28.89 2.00 13.43
CA THR A 162 -29.78 3.01 12.86
C THR A 162 -29.93 2.66 11.38
N PRO A 163 -30.81 3.38 10.67
CA PRO A 163 -30.97 3.07 9.24
C PRO A 163 -29.70 3.43 8.45
N ARG A 164 -28.79 4.20 9.08
CA ARG A 164 -27.50 4.65 8.49
C ARG A 164 -26.34 3.66 8.74
N THR A 165 -26.59 2.61 9.53
CA THR A 165 -25.56 1.59 9.83
C THR A 165 -25.16 0.78 8.61
N LYS A 166 -23.88 0.88 8.23
CA LYS A 166 -23.34 0.16 7.08
C LYS A 166 -22.46 -1.00 7.49
N ALA A 167 -21.86 -0.89 8.67
CA ALA A 167 -20.98 -1.92 9.16
C ALA A 167 -20.77 -1.95 10.68
N LEU A 168 -20.34 -3.11 11.16
CA LEU A 168 -20.06 -3.37 12.56
C LEU A 168 -18.71 -4.09 12.51
N VAL A 169 -17.72 -3.58 13.25
CA VAL A 169 -16.39 -4.19 13.26
C VAL A 169 -16.23 -5.04 14.50
N VAL A 170 -15.82 -6.27 14.31
CA VAL A 170 -15.60 -7.20 15.39
C VAL A 170 -14.15 -7.72 15.29
N ASN A 171 -13.45 -7.73 16.42
CA ASN A 171 -12.05 -8.15 16.46
C ASN A 171 -11.78 -9.16 17.58
N SER A 172 -11.74 -10.44 17.23
CA SER A 172 -11.48 -11.48 18.21
C SER A 172 -10.56 -12.52 17.60
N PRO A 173 -9.43 -12.85 18.29
CA PRO A 173 -8.98 -12.30 19.58
C PRO A 173 -8.73 -10.83 19.45
N ASN A 174 -8.98 -10.10 20.54
CA ASN A 174 -8.91 -8.65 20.55
C ASN A 174 -7.61 -7.91 20.91
N ASN A 175 -7.38 -6.82 20.20
CA ASN A 175 -6.28 -5.92 20.47
C ASN A 175 -7.15 -4.71 20.86
N PRO A 176 -6.92 -4.10 22.04
CA PRO A 176 -5.93 -4.39 23.06
C PRO A 176 -6.33 -5.16 24.31
N THR A 177 -7.55 -5.70 24.35
CA THR A 177 -8.02 -6.39 25.55
C THR A 177 -7.63 -7.85 25.72
N GLY A 178 -7.25 -8.52 24.63
CA GLY A 178 -6.88 -9.92 24.69
C GLY A 178 -8.08 -10.87 24.83
N ALA A 179 -9.29 -10.30 24.81
CA ALA A 179 -10.52 -11.09 24.94
C ALA A 179 -10.79 -11.96 23.72
N VAL A 180 -11.41 -13.10 23.96
CA VAL A 180 -11.78 -14.03 22.89
C VAL A 180 -13.30 -14.13 22.95
N TYR A 181 -13.99 -13.77 21.87
CA TYR A 181 -15.46 -13.83 21.87
C TYR A 181 -16.02 -15.24 21.60
N PRO A 182 -16.99 -15.69 22.44
CA PRO A 182 -17.62 -17.01 22.30
C PRO A 182 -18.47 -17.13 21.04
N LYS A 183 -18.49 -18.32 20.46
CA LYS A 183 -19.23 -18.59 19.22
C LYS A 183 -20.64 -18.01 19.25
N GLU A 184 -21.34 -18.20 20.35
CA GLU A 184 -22.70 -17.73 20.49
C GLU A 184 -22.77 -16.23 20.36
N VAL A 185 -21.81 -15.52 20.93
CA VAL A 185 -21.77 -14.04 20.86
C VAL A 185 -21.49 -13.63 19.40
N LEU A 186 -20.55 -14.34 18.77
CA LEU A 186 -20.18 -14.12 17.38
C LEU A 186 -21.38 -14.41 16.45
N GLU A 187 -22.21 -15.43 16.79
CA GLU A 187 -23.40 -15.80 16.01
C GLU A 187 -24.50 -14.76 16.16
N ALA A 188 -24.66 -14.24 17.38
CA ALA A 188 -25.65 -13.22 17.63
C ALA A 188 -25.35 -11.95 16.83
N LEU A 189 -24.08 -11.57 16.79
CA LEU A 189 -23.60 -10.37 16.09
C LEU A 189 -23.82 -10.50 14.60
N ALA A 190 -23.48 -11.65 14.05
CA ALA A 190 -23.67 -11.95 12.64
C ALA A 190 -25.19 -11.81 12.31
N ARG A 191 -26.03 -12.39 13.18
CA ARG A 191 -27.49 -12.33 13.03
C ARG A 191 -28.03 -10.91 12.90
N LEU A 192 -27.50 -9.97 13.67
CA LEU A 192 -27.91 -8.59 13.59
C LEU A 192 -27.59 -8.01 12.23
N ALA A 193 -26.48 -8.47 11.65
CA ALA A 193 -26.05 -8.00 10.33
C ALA A 193 -27.05 -8.44 9.25
N VAL A 194 -27.40 -9.72 9.25
CA VAL A 194 -28.34 -10.28 8.29
C VAL A 194 -29.72 -9.67 8.47
N GLU A 195 -30.11 -9.55 9.73
CA GLU A 195 -31.40 -9.02 10.16
C GLU A 195 -31.56 -7.53 9.88
N HIS A 196 -30.49 -6.75 10.06
CA HIS A 196 -30.56 -5.32 9.80
C HIS A 196 -29.88 -4.86 8.53
N ASP A 197 -29.49 -5.83 7.71
CA ASP A 197 -28.85 -5.60 6.42
C ASP A 197 -27.64 -4.65 6.35
N PHE A 198 -26.52 -5.09 6.92
CA PHE A 198 -25.29 -4.31 6.88
C PHE A 198 -24.15 -5.29 6.86
N TYR A 199 -22.93 -4.79 6.72
CA TYR A 199 -21.77 -5.67 6.69
C TYR A 199 -21.19 -5.92 8.08
N LEU A 200 -20.67 -7.12 8.26
CA LEU A 200 -20.01 -7.51 9.50
C LEU A 200 -18.52 -7.68 9.10
N VAL A 201 -17.66 -6.84 9.65
CA VAL A 201 -16.21 -6.93 9.35
C VAL A 201 -15.52 -7.68 10.50
N SER A 202 -14.96 -8.85 10.22
CA SER A 202 -14.33 -9.64 11.26
C SER A 202 -12.79 -9.69 11.15
N ASP A 203 -12.13 -8.92 12.02
CA ASP A 203 -10.66 -8.86 12.07
C ASP A 203 -10.16 -10.05 12.87
N GLU A 204 -9.69 -11.07 12.16
CA GLU A 204 -9.23 -12.26 12.84
C GLU A 204 -7.71 -12.52 12.81
N ILE A 205 -6.89 -11.45 12.73
CA ILE A 205 -5.40 -11.66 12.66
C ILE A 205 -4.72 -12.45 13.77
N TYR A 206 -5.31 -12.48 14.98
CA TYR A 206 -4.72 -13.20 16.13
C TYR A 206 -5.27 -14.59 16.37
N GLU A 207 -5.96 -15.13 15.36
CA GLU A 207 -6.57 -16.45 15.46
C GLU A 207 -5.64 -17.55 15.98
N HIS A 208 -4.40 -17.61 15.51
CA HIS A 208 -3.47 -18.63 15.97
C HIS A 208 -2.79 -18.35 17.31
N LEU A 209 -3.08 -17.19 17.89
CA LEU A 209 -2.50 -16.81 19.16
C LEU A 209 -3.66 -16.90 20.17
N LEU A 210 -4.08 -18.13 20.48
CA LEU A 210 -5.22 -18.35 21.36
C LEU A 210 -4.83 -19.35 22.46
N TYR A 211 -5.07 -19.00 23.73
CA TYR A 211 -4.69 -19.86 24.87
C TYR A 211 -5.80 -20.72 25.48
N GLU A 212 -7.03 -20.26 25.35
CA GLU A 212 -8.17 -21.02 25.82
C GLU A 212 -9.39 -20.63 25.00
N GLY A 213 -10.26 -21.60 24.77
CA GLY A 213 -11.45 -21.37 23.98
C GLY A 213 -11.18 -21.76 22.55
N GLU A 214 -12.05 -21.32 21.66
CA GLU A 214 -11.87 -21.63 20.25
C GLU A 214 -12.19 -20.45 19.34
N HIS A 215 -11.49 -20.41 18.21
CA HIS A 215 -11.69 -19.32 17.25
C HIS A 215 -12.86 -19.67 16.34
N PHE A 216 -13.88 -18.82 16.31
CA PHE A 216 -15.04 -19.03 15.46
C PHE A 216 -15.07 -17.89 14.49
N SER A 217 -15.30 -18.19 13.21
CA SER A 217 -15.38 -17.14 12.20
C SER A 217 -16.89 -16.93 11.90
N PRO A 218 -17.44 -15.72 12.14
CA PRO A 218 -18.86 -15.41 11.90
C PRO A 218 -19.29 -15.56 10.44
N GLY A 219 -18.32 -15.52 9.53
CA GLY A 219 -18.61 -15.66 8.12
C GLY A 219 -19.30 -16.99 7.82
N ARG A 220 -19.10 -17.97 8.68
CA ARG A 220 -19.73 -19.26 8.52
C ARG A 220 -21.26 -19.17 8.59
N VAL A 221 -21.77 -18.22 9.38
CA VAL A 221 -23.22 -18.04 9.56
C VAL A 221 -23.87 -16.92 8.69
N ALA A 222 -23.06 -16.01 8.14
CA ALA A 222 -23.58 -14.92 7.28
C ALA A 222 -22.53 -14.56 6.25
N PRO A 223 -22.19 -15.51 5.38
CA PRO A 223 -21.18 -15.36 4.31
C PRO A 223 -21.35 -14.20 3.31
N GLU A 224 -22.61 -13.82 3.08
CA GLU A 224 -22.98 -12.73 2.16
C GLU A 224 -22.84 -11.38 2.84
N HIS A 225 -22.92 -11.38 4.16
CA HIS A 225 -22.80 -10.12 4.90
C HIS A 225 -21.42 -9.93 5.54
N THR A 226 -20.54 -10.94 5.47
CA THR A 226 -19.25 -10.87 6.17
C THR A 226 -17.96 -10.79 5.36
N LEU A 227 -17.08 -9.91 5.82
CA LEU A 227 -15.78 -9.69 5.21
C LEU A 227 -14.83 -10.09 6.29
N THR A 228 -14.14 -11.21 6.05
CA THR A 228 -13.19 -11.75 6.98
C THR A 228 -11.76 -11.25 6.64
N VAL A 229 -11.17 -10.51 7.58
CA VAL A 229 -9.85 -9.96 7.41
C VAL A 229 -8.82 -10.74 8.21
N ASN A 230 -7.68 -11.02 7.60
CA ASN A 230 -6.63 -11.76 8.30
C ASN A 230 -5.30 -11.35 7.68
N GLY A 231 -4.25 -12.10 8.02
CA GLY A 231 -2.92 -11.82 7.50
C GLY A 231 -1.84 -12.68 8.14
N ALA A 232 -0.64 -12.60 7.59
CA ALA A 232 0.49 -13.37 8.09
C ALA A 232 1.25 -12.65 9.16
N ALA A 233 0.93 -11.39 9.41
CA ALA A 233 1.70 -10.57 10.35
C ALA A 233 1.97 -11.08 11.77
N1 LLP A 234 -5.87 -5.93 13.18
C2 LLP A 234 -5.28 -5.87 14.42
C2' LLP A 234 -6.16 -5.70 15.63
C3 LLP A 234 -3.91 -5.94 14.55
O3 LLP A 234 -3.38 -5.87 15.76
C4 LLP A 234 -3.12 -6.07 13.42
C4' LLP A 234 -1.61 -6.21 13.50
C5 LLP A 234 -3.76 -6.12 12.14
C6 LLP A 234 -5.13 -6.04 12.05
C5' LLP A 234 -3.00 -6.29 10.82
OP4 LLP A 234 -1.65 -5.69 10.66
P LLP A 234 -0.79 -5.77 9.36
OP1 LLP A 234 -1.07 -7.09 8.70
OP2 LLP A 234 0.71 -5.77 9.93
OP3 LLP A 234 -1.09 -4.51 8.72
N LLP A 234 0.90 -11.32 12.54
CA LLP A 234 1.03 -11.75 13.94
CB LLP A 234 -0.22 -11.33 14.68
CG LLP A 234 -0.64 -9.86 14.41
CD LLP A 234 0.37 -8.86 15.01
CE LLP A 234 0.32 -7.46 14.31
NZ LLP A 234 -1.08 -7.13 14.28
C LLP A 234 1.33 -13.23 14.12
O LLP A 234 2.08 -13.62 14.99
N ALA A 235 0.76 -14.06 13.26
CA ALA A 235 0.92 -15.49 13.33
C ALA A 235 2.29 -16.01 12.94
N PHE A 236 2.90 -15.45 11.91
CA PHE A 236 4.19 -15.95 11.46
C PHE A 236 5.31 -14.94 11.63
N ALA A 237 5.14 -13.99 12.54
CA ALA A 237 6.13 -12.96 12.78
C ALA A 237 6.61 -12.36 11.45
N MET A 238 5.63 -11.87 10.66
CA MET A 238 5.92 -11.28 9.36
C MET A 238 5.37 -9.86 9.26
N THR A 239 5.40 -9.09 10.34
CA THR A 239 4.88 -7.74 10.29
C THR A 239 5.53 -6.83 9.23
N GLY A 240 6.84 -6.91 9.08
CA GLY A 240 7.52 -6.06 8.14
C GLY A 240 7.39 -6.48 6.69
N TRP A 241 6.82 -7.66 6.44
CA TRP A 241 6.66 -8.18 5.06
C TRP A 241 5.48 -7.56 4.35
N ARG A 242 4.53 -7.02 5.11
CA ARG A 242 3.31 -6.37 4.60
C ARG A 242 2.40 -7.24 3.68
N ILE A 243 1.89 -8.34 4.20
CA ILE A 243 1.00 -9.21 3.44
C ILE A 243 -0.21 -9.52 4.31
N GLY A 244 -1.35 -9.02 3.88
CA GLY A 244 -2.60 -9.31 4.57
C GLY A 244 -3.51 -10.03 3.57
N TYR A 245 -4.64 -10.54 4.05
CA TYR A 245 -5.58 -11.19 3.16
C TYR A 245 -6.99 -11.11 3.70
N ALA A 246 -7.96 -11.18 2.80
CA ALA A 246 -9.36 -11.11 3.15
C ALA A 246 -10.17 -11.99 2.21
N CYS A 247 -11.39 -12.29 2.63
CA CYS A 247 -12.35 -13.08 1.84
C CYS A 247 -13.76 -12.56 2.14
N GLY A 248 -14.70 -12.85 1.26
CA GLY A 248 -16.05 -12.35 1.48
C GLY A 248 -16.78 -12.22 0.15
N PRO A 249 -17.95 -11.54 0.16
CA PRO A 249 -18.80 -11.32 -1.02
C PRO A 249 -17.99 -10.90 -2.28
N LYS A 250 -18.05 -11.74 -3.30
CA LYS A 250 -17.35 -11.53 -4.57
C LYS A 250 -17.35 -10.10 -5.13
N GLU A 251 -18.47 -9.39 -5.01
CA GLU A 251 -18.57 -8.02 -5.49
C GLU A 251 -17.76 -7.03 -4.63
N VAL A 252 -17.62 -7.33 -3.33
CA VAL A 252 -16.85 -6.44 -2.47
C VAL A 252 -15.37 -6.66 -2.70
N ILE A 253 -14.95 -7.92 -2.79
CA ILE A 253 -13.54 -8.27 -3.06
C ILE A 253 -13.04 -7.63 -4.35
N LYS A 254 -13.87 -7.68 -5.40
CA LYS A 254 -13.57 -7.09 -6.70
C LYS A 254 -13.42 -5.58 -6.58
N ALA A 255 -14.24 -4.94 -5.74
CA ALA A 255 -14.14 -3.49 -5.52
C ALA A 255 -12.85 -3.19 -4.75
N MET A 256 -12.51 -4.04 -3.78
CA MET A 256 -11.29 -3.84 -3.02
C MET A 256 -10.08 -3.97 -3.92
N ALA A 257 -10.16 -4.86 -4.92
CA ALA A 257 -9.06 -5.04 -5.87
C ALA A 257 -8.91 -3.81 -6.76
N SER A 258 -10.01 -3.11 -7.00
CA SER A 258 -9.99 -1.89 -7.79
C SER A 258 -9.29 -0.77 -7.04
N VAL A 259 -9.49 -0.72 -5.73
CA VAL A 259 -8.83 0.30 -4.90
C VAL A 259 -7.32 0.05 -4.88
N SER A 260 -6.93 -1.22 -4.84
CA SER A 260 -5.52 -1.56 -4.84
C SER A 260 -4.87 -1.16 -6.16
N SER A 261 -5.56 -1.42 -7.27
CA SER A 261 -4.99 -1.11 -8.58
C SER A 261 -4.68 0.36 -8.81
N GLN A 262 -5.38 1.27 -8.13
CA GLN A 262 -5.12 2.70 -8.29
C GLN A 262 -4.28 3.26 -7.14
N SER A 263 -3.89 2.42 -6.19
CA SER A 263 -3.11 2.94 -5.08
C SER A 263 -1.73 2.28 -4.89
N THR A 264 -1.70 0.96 -4.80
CA THR A 264 -0.45 0.22 -4.56
C THR A 264 -0.10 -0.76 -5.67
N THR A 265 -1.07 -0.93 -6.58
CA THR A 265 -1.00 -1.89 -7.70
C THR A 265 -1.18 -3.33 -7.17
N SER A 266 -0.21 -3.78 -6.38
CA SER A 266 -0.23 -5.11 -5.79
C SER A 266 0.88 -5.20 -4.72
N PRO A 267 0.74 -6.10 -3.71
CA PRO A 267 1.77 -6.25 -2.67
C PRO A 267 3.06 -6.80 -3.29
N ASP A 268 4.21 -6.57 -2.64
CA ASP A 268 5.49 -7.06 -3.13
C ASP A 268 5.41 -8.54 -3.52
N THR A 269 5.84 -8.84 -4.74
CA THR A 269 5.82 -10.20 -5.29
C THR A 269 6.64 -11.22 -4.47
N ILE A 270 7.85 -10.82 -4.06
CA ILE A 270 8.71 -11.69 -3.27
C ILE A 270 7.97 -12.05 -1.96
N ALA A 271 7.32 -11.06 -1.33
CA ALA A 271 6.57 -11.31 -0.09
C ALA A 271 5.35 -12.23 -0.33
N GLN A 272 4.74 -12.14 -1.51
CA GLN A 272 3.61 -13.01 -1.82
C GLN A 272 4.07 -14.47 -1.94
N TRP A 273 5.19 -14.71 -2.64
CA TRP A 273 5.70 -16.08 -2.77
C TRP A 273 6.14 -16.65 -1.43
N ALA A 274 6.68 -15.77 -0.58
CA ALA A 274 7.11 -16.13 0.75
C ALA A 274 5.92 -16.63 1.56
N THR A 275 4.82 -15.90 1.48
CA THR A 275 3.58 -16.17 2.20
C THR A 275 2.92 -17.48 1.78
N LEU A 276 3.00 -17.80 0.49
CA LEU A 276 2.46 -19.05 -0.04
C LEU A 276 3.09 -20.22 0.71
N GLU A 277 4.40 -20.10 0.97
CA GLU A 277 5.16 -21.13 1.68
C GLU A 277 4.66 -21.29 3.10
N ALA A 278 4.39 -20.18 3.77
CA ALA A 278 3.87 -20.20 5.13
C ALA A 278 2.51 -20.88 5.14
N LEU A 279 1.75 -20.69 4.06
CA LEU A 279 0.41 -21.24 3.98
C LEU A 279 0.34 -22.69 3.56
N THR A 280 1.30 -23.09 2.74
CA THR A 280 1.34 -24.45 2.23
C THR A 280 2.24 -25.44 2.99
N ASN A 281 3.31 -24.97 3.63
CA ASN A 281 4.17 -25.88 4.38
C ASN A 281 3.57 -26.02 5.76
N GLN A 282 2.41 -26.69 5.82
CA GLN A 282 1.64 -26.88 7.04
C GLN A 282 2.47 -27.41 8.19
N GLU A 283 3.42 -28.27 7.87
CA GLU A 283 4.26 -28.88 8.88
C GLU A 283 5.19 -27.89 9.62
N ALA A 284 5.96 -27.09 8.89
CA ALA A 284 6.89 -26.14 9.51
C ALA A 284 6.15 -24.96 10.12
N SER A 285 5.03 -24.60 9.50
CA SER A 285 4.24 -23.47 9.97
C SER A 285 3.54 -23.77 11.30
N ARG A 286 3.08 -25.01 11.49
CA ARG A 286 2.41 -25.35 12.73
C ARG A 286 3.45 -25.47 13.81
N ALA A 287 4.61 -26.01 13.46
CA ALA A 287 5.66 -26.12 14.45
C ALA A 287 5.99 -24.71 15.00
N PHE A 288 5.99 -23.72 14.12
CA PHE A 288 6.31 -22.34 14.53
C PHE A 288 5.22 -21.75 15.42
N VAL A 289 3.97 -21.93 14.97
CA VAL A 289 2.81 -21.44 15.67
C VAL A 289 2.68 -22.03 17.07
N GLU A 290 2.91 -23.34 17.20
CA GLU A 290 2.81 -24.02 18.52
C GLU A 290 3.91 -23.56 19.45
N MET A 291 5.09 -23.34 18.88
CA MET A 291 6.25 -22.88 19.63
C MET A 291 5.96 -21.49 20.19
N ALA A 292 5.45 -20.62 19.34
CA ALA A 292 5.13 -19.27 19.75
C ALA A 292 4.04 -19.25 20.79
N ARG A 293 2.96 -19.96 20.53
CA ARG A 293 1.83 -20.00 21.46
C ARG A 293 2.23 -20.44 22.90
N GLU A 294 3.17 -21.38 22.99
CA GLU A 294 3.71 -21.88 24.28
C GLU A 294 4.52 -20.78 24.97
N ALA A 295 5.40 -20.14 24.21
CA ALA A 295 6.17 -19.04 24.75
C ALA A 295 5.20 -17.93 25.24
N TYR A 296 4.20 -17.54 24.44
CA TYR A 296 3.25 -16.51 24.87
C TYR A 296 2.46 -16.93 26.12
N ARG A 297 2.05 -18.19 26.19
CA ARG A 297 1.32 -18.74 27.35
C ARG A 297 2.18 -18.59 28.63
N ARG A 298 3.44 -19.00 28.56
CA ARG A 298 4.36 -18.91 29.70
C ARG A 298 4.46 -17.45 30.12
N ARG A 299 4.65 -16.55 29.15
CA ARG A 299 4.81 -15.15 29.45
C ARG A 299 3.58 -14.47 30.02
N ARG A 300 2.40 -14.87 29.55
CA ARG A 300 1.19 -14.26 30.05
C ARG A 300 1.02 -14.63 31.51
N ASP A 301 1.24 -15.91 31.80
CA ASP A 301 1.04 -16.41 33.14
C ASP A 301 1.97 -15.74 34.13
N LEU A 302 3.22 -15.53 33.73
CA LEU A 302 4.22 -14.91 34.59
C LEU A 302 3.82 -13.47 34.90
N LEU A 303 3.35 -12.77 33.87
CA LEU A 303 2.92 -11.38 33.98
C LEU A 303 1.66 -11.26 34.82
N LEU A 304 0.73 -12.19 34.66
CA LEU A 304 -0.50 -12.12 35.43
C LEU A 304 -0.24 -12.42 36.92
N GLU A 305 0.65 -13.37 37.21
CA GLU A 305 1.01 -13.72 38.58
C GLU A 305 1.65 -12.52 39.31
N GLY A 306 2.62 -11.91 38.63
CA GLY A 306 3.31 -10.77 39.19
C GLY A 306 2.41 -9.59 39.47
N LEU A 307 1.43 -9.34 38.59
CA LEU A 307 0.53 -8.21 38.78
C LEU A 307 -0.35 -8.42 39.99
N THR A 308 -0.90 -9.63 40.11
CA THR A 308 -1.78 -9.97 41.23
C THR A 308 -1.04 -9.81 42.52
N ALA A 309 0.21 -10.27 42.55
CA ALA A 309 1.03 -10.17 43.73
C ALA A 309 1.19 -8.70 44.13
N LEU A 310 1.22 -7.80 43.14
CA LEU A 310 1.36 -6.36 43.39
C LEU A 310 0.03 -5.70 43.75
N GLY A 311 -1.07 -6.43 43.62
CA GLY A 311 -2.37 -5.87 43.92
C GLY A 311 -2.91 -5.06 42.76
N LEU A 312 -2.40 -5.32 41.56
CA LEU A 312 -2.83 -4.60 40.37
C LEU A 312 -3.84 -5.46 39.60
N LYS A 313 -4.92 -4.81 39.13
CA LYS A 313 -5.99 -5.48 38.39
C LYS A 313 -5.88 -5.47 36.85
N ALA A 314 -6.21 -6.60 36.23
CA ALA A 314 -6.20 -6.72 34.79
C ALA A 314 -7.17 -7.84 34.49
N VAL A 315 -7.89 -7.72 33.37
CA VAL A 315 -8.81 -8.77 32.94
C VAL A 315 -7.95 -9.83 32.23
N ARG A 316 -8.11 -11.08 32.64
CA ARG A 316 -7.32 -12.16 32.06
C ARG A 316 -7.57 -12.37 30.58
N PRO A 317 -6.51 -12.21 29.78
CA PRO A 317 -6.64 -12.38 28.33
C PRO A 317 -6.54 -13.85 27.89
N SER A 318 -7.31 -14.22 26.86
CA SER A 318 -7.28 -15.58 26.37
C SER A 318 -6.60 -15.69 25.00
N GLY A 319 -6.24 -14.53 24.43
CA GLY A 319 -5.61 -14.53 23.13
C GLY A 319 -4.79 -13.28 22.88
N ALA A 320 -4.11 -13.23 21.71
CA ALA A 320 -3.23 -12.13 21.31
C ALA A 320 -2.07 -12.10 22.31
N PHE A 321 -1.43 -10.95 22.50
CA PHE A 321 -0.33 -10.86 23.46
C PHE A 321 -0.35 -9.56 24.24
N TYR A 322 -1.57 -9.16 24.62
CA TYR A 322 -1.80 -7.92 25.37
C TYR A 322 -2.51 -8.17 26.67
N VAL A 323 -2.40 -7.20 27.56
CA VAL A 323 -3.02 -7.24 28.87
C VAL A 323 -3.41 -5.81 29.17
N LEU A 324 -4.68 -5.56 29.48
CA LEU A 324 -5.12 -4.22 29.83
C LEU A 324 -5.07 -4.11 31.37
N MET A 325 -4.20 -3.26 31.90
CA MET A 325 -4.09 -3.11 33.34
C MET A 325 -4.74 -1.85 33.83
N ASP A 326 -5.44 -1.98 34.96
CA ASP A 326 -6.13 -0.89 35.63
C ASP A 326 -5.06 0.00 36.30
N THR A 327 -5.07 1.29 35.99
CA THR A 327 -4.07 2.21 36.53
C THR A 327 -4.54 3.13 37.65
N SER A 328 -5.76 2.93 38.15
CA SER A 328 -6.28 3.78 39.21
C SER A 328 -5.35 3.86 40.44
N PRO A 329 -4.78 2.73 40.87
CA PRO A 329 -3.90 2.80 42.03
C PRO A 329 -2.65 3.64 41.81
N ILE A 330 -2.28 3.82 40.54
CA ILE A 330 -1.10 4.57 40.18
C ILE A 330 -1.30 6.06 39.97
N ALA A 331 -2.33 6.43 39.23
CA ALA A 331 -2.62 7.84 38.93
C ALA A 331 -4.10 7.99 38.55
N PRO A 332 -4.64 9.23 38.58
CA PRO A 332 -6.05 9.44 38.23
C PRO A 332 -6.41 9.07 36.79
N ASP A 333 -5.41 9.06 35.90
CA ASP A 333 -5.66 8.66 34.52
C ASP A 333 -4.47 7.94 33.87
N GLU A 334 -4.74 7.33 32.71
CA GLU A 334 -3.79 6.55 31.91
C GLU A 334 -2.50 7.29 31.56
N VAL A 335 -2.66 8.52 31.10
CA VAL A 335 -1.52 9.32 30.65
C VAL A 335 -0.55 9.62 31.76
N ARG A 336 -1.07 9.96 32.93
CA ARG A 336 -0.27 10.28 34.10
C ARG A 336 0.40 9.01 34.62
N ALA A 337 -0.33 7.89 34.57
CA ALA A 337 0.19 6.61 35.03
C ALA A 337 1.33 6.16 34.12
N ALA A 338 1.15 6.33 32.81
CA ALA A 338 2.18 5.95 31.83
C ALA A 338 3.46 6.77 32.07
N GLU A 339 3.30 8.06 32.36
CA GLU A 339 4.44 8.93 32.63
C GLU A 339 5.14 8.55 33.94
N ARG A 340 4.37 8.15 34.96
CA ARG A 340 4.92 7.68 36.25
C ARG A 340 5.72 6.40 36.03
N LEU A 341 5.15 5.47 35.26
CA LEU A 341 5.81 4.21 34.94
C LEU A 341 7.08 4.46 34.15
N LEU A 342 7.08 5.47 33.29
CA LEU A 342 8.25 5.84 32.49
C LEU A 342 9.39 6.24 33.44
N GLU A 343 9.04 7.07 34.43
CA GLU A 343 10.02 7.53 35.42
C GLU A 343 10.55 6.34 36.21
N ALA A 344 9.70 5.34 36.47
CA ALA A 344 10.07 4.10 37.19
C ALA A 344 10.88 3.13 36.31
N GLY A 345 11.06 3.49 35.04
CA GLY A 345 11.81 2.69 34.10
C GLY A 345 11.06 1.73 33.18
N VAL A 346 9.74 1.85 33.10
CA VAL A 346 8.95 0.95 32.25
C VAL A 346 8.09 1.73 31.24
N ALA A 347 8.20 1.35 29.97
CA ALA A 347 7.47 1.98 28.88
C ALA A 347 6.22 1.15 28.52
N VAL A 348 5.02 1.74 28.68
CA VAL A 348 3.80 0.99 28.37
C VAL A 348 2.98 1.85 27.42
N VAL A 349 1.85 1.33 26.91
CA VAL A 349 1.01 2.13 26.01
C VAL A 349 -0.23 2.63 26.70
N PRO A 350 -0.42 3.95 26.75
CA PRO A 350 -1.63 4.47 27.43
C PRO A 350 -2.93 4.05 26.69
N GLY A 351 -3.99 3.75 27.45
CA GLY A 351 -5.24 3.30 26.85
C GLY A 351 -6.11 4.33 26.15
N THR A 352 -5.70 5.59 26.18
CA THR A 352 -6.41 6.73 25.59
C THR A 352 -6.89 6.59 24.13
N ASP A 353 -5.98 6.26 23.21
CA ASP A 353 -6.33 6.11 21.79
C ASP A 353 -7.22 4.91 21.45
N PHE A 354 -7.31 3.95 22.38
CA PHE A 354 -8.10 2.75 22.20
C PHE A 354 -9.45 2.89 22.91
N ALA A 355 -9.65 4.05 23.53
CA ALA A 355 -10.86 4.35 24.32
C ALA A 355 -10.87 3.45 25.59
N ALA A 356 -9.68 3.09 26.06
CA ALA A 356 -9.51 2.28 27.28
C ALA A 356 -8.99 3.19 28.40
N PHE A 357 -9.79 4.19 28.72
CA PHE A 357 -9.44 5.15 29.76
C PHE A 357 -9.32 4.42 31.10
N GLY A 358 -8.34 4.86 31.89
CA GLY A 358 -8.07 4.25 33.19
C GLY A 358 -7.26 2.96 33.08
N HIS A 359 -6.80 2.66 31.88
CA HIS A 359 -6.02 1.45 31.61
C HIS A 359 -4.80 1.78 30.80
N VAL A 360 -3.92 0.81 30.77
CA VAL A 360 -2.68 0.93 30.09
C VAL A 360 -2.51 -0.43 29.43
N ARG A 361 -2.10 -0.45 28.15
CA ARG A 361 -1.89 -1.71 27.46
C ARG A 361 -0.46 -2.20 27.66
N LEU A 362 -0.37 -3.45 28.08
CA LEU A 362 0.89 -4.11 28.30
C LEU A 362 1.00 -5.20 27.26
N SER A 363 2.19 -5.29 26.65
CA SER A 363 2.47 -6.28 25.65
C SER A 363 3.44 -7.33 26.17
N TYR A 364 3.13 -8.61 25.98
CA TYR A 364 4.08 -9.63 26.40
C TYR A 364 4.84 -10.32 25.26
N ALA A 365 5.03 -9.58 24.16
CA ALA A 365 5.81 -10.08 23.04
C ALA A 365 7.24 -9.58 23.27
N THR A 366 7.84 -10.00 24.39
CA THR A 366 9.23 -9.66 24.79
C THR A 366 9.67 -10.81 25.73
N SER A 367 10.96 -10.90 26.03
CA SER A 367 11.46 -12.00 26.87
C SER A 367 10.93 -12.01 28.30
N GLU A 368 10.97 -13.19 28.92
CA GLU A 368 10.56 -13.33 30.31
C GLU A 368 11.48 -12.49 31.22
N GLU A 369 12.75 -12.40 30.86
CA GLU A 369 13.72 -11.61 31.61
C GLU A 369 13.29 -10.14 31.59
N ASN A 370 12.79 -9.67 30.45
CA ASN A 370 12.31 -8.29 30.37
C ASN A 370 11.01 -8.11 31.19
N LEU A 371 10.15 -9.13 31.18
CA LEU A 371 8.88 -9.07 31.93
C LEU A 371 9.19 -9.00 33.42
N ARG A 372 10.16 -9.82 33.84
CA ARG A 372 10.57 -9.88 35.24
C ARG A 372 11.17 -8.55 35.64
N LYS A 373 11.95 -7.98 34.73
CA LYS A 373 12.59 -6.69 34.97
C LYS A 373 11.57 -5.60 35.14
N ALA A 374 10.51 -5.66 34.34
CA ALA A 374 9.44 -4.66 34.44
C ALA A 374 8.68 -4.78 35.74
N LEU A 375 8.39 -6.02 36.16
CA LEU A 375 7.63 -6.30 37.38
C LEU A 375 8.30 -5.77 38.65
N GLU A 376 9.62 -5.81 38.67
CA GLU A 376 10.40 -5.29 39.80
C GLU A 376 10.29 -3.79 39.86
N ARG A 377 10.32 -3.12 38.70
CA ARG A 377 10.21 -1.67 38.63
C ARG A 377 8.83 -1.20 39.08
N PHE A 378 7.80 -2.00 38.84
CA PHE A 378 6.43 -1.66 39.22
C PHE A 378 6.27 -1.36 40.71
N ALA A 379 7.13 -1.95 41.54
CA ALA A 379 7.09 -1.76 42.99
C ALA A 379 7.26 -0.31 43.38
N ARG A 380 7.92 0.44 42.49
CA ARG A 380 8.23 1.85 42.71
C ARG A 380 7.11 2.88 42.42
N VAL A 381 5.96 2.44 41.93
CA VAL A 381 4.88 3.38 41.61
C VAL A 381 3.66 3.07 42.45
N LEU A 382 3.89 2.46 43.61
CA LEU A 382 2.82 2.12 44.53
C LEU A 382 2.73 3.12 45.71
N MET B 1 -27.90 -0.73 5.38
CA MET B 1 -27.92 -1.27 3.99
C MET B 1 -26.53 -1.67 3.50
N ARG B 2 -26.49 -2.62 2.57
CA ARG B 2 -25.23 -3.04 2.01
C ARG B 2 -25.11 -2.35 0.67
N GLY B 3 -23.98 -2.57 -0.02
CA GLY B 3 -23.79 -1.96 -1.33
C GLY B 3 -22.50 -1.17 -1.35
N LEU B 4 -21.95 -0.98 -2.53
CA LEU B 4 -20.70 -0.24 -2.69
C LEU B 4 -20.80 1.28 -2.61
N SER B 5 -19.66 1.92 -2.39
CA SER B 5 -19.63 3.36 -2.30
C SER B 5 -19.67 3.94 -3.71
N ARG B 6 -20.16 5.17 -3.80
CA ARG B 6 -20.24 5.89 -5.05
C ARG B 6 -18.88 5.93 -5.72
N ARG B 7 -17.85 6.28 -4.95
CA ARG B 7 -16.48 6.39 -5.47
C ARG B 7 -15.94 5.17 -6.16
N VAL B 8 -16.27 4.01 -5.64
CA VAL B 8 -15.76 2.80 -6.24
C VAL B 8 -16.62 2.44 -7.44
N GLN B 9 -17.87 2.87 -7.41
CA GLN B 9 -18.79 2.59 -8.50
C GLN B 9 -18.52 3.43 -9.75
N ALA B 10 -17.90 4.59 -9.54
CA ALA B 10 -17.57 5.52 -10.62
C ALA B 10 -16.22 5.21 -11.28
N MET B 11 -15.89 3.93 -11.40
CA MET B 11 -14.64 3.52 -12.01
C MET B 11 -14.85 2.94 -13.38
N LYS B 12 -14.48 3.71 -14.40
CA LYS B 12 -14.63 3.31 -15.80
C LYS B 12 -13.88 2.03 -16.15
N PRO B 13 -14.43 1.24 -17.09
CA PRO B 13 -13.81 -0.02 -17.53
C PRO B 13 -12.73 0.25 -18.59
N SER B 14 -11.62 -0.45 -18.45
CA SER B 14 -10.49 -0.31 -19.35
C SER B 14 -10.70 -1.00 -20.70
N ALA B 15 -10.15 -0.40 -21.74
CA ALA B 15 -10.20 -0.96 -23.10
C ALA B 15 -9.05 -1.95 -23.23
N THR B 16 -8.03 -1.74 -22.42
CA THR B 16 -6.86 -2.60 -22.41
C THR B 16 -7.30 -3.97 -21.91
N VAL B 17 -8.14 -3.95 -20.88
CA VAL B 17 -8.67 -5.18 -20.31
C VAL B 17 -9.45 -5.98 -21.35
N ALA B 18 -10.28 -5.30 -22.14
CA ALA B 18 -11.08 -5.98 -23.16
C ALA B 18 -10.21 -6.68 -24.23
N VAL B 19 -9.17 -6.00 -24.70
CA VAL B 19 -8.28 -6.59 -25.70
C VAL B 19 -7.43 -7.71 -25.07
N ASN B 20 -7.01 -7.51 -23.82
CA ASN B 20 -6.18 -8.48 -23.11
C ASN B 20 -6.86 -9.84 -23.01
N ALA B 21 -8.16 -9.85 -22.75
CA ALA B 21 -8.87 -11.10 -22.63
C ALA B 21 -8.86 -11.86 -23.96
N LYS B 22 -9.00 -11.14 -25.07
CA LYS B 22 -9.01 -11.77 -26.39
C LYS B 22 -7.63 -12.36 -26.68
N ALA B 23 -6.58 -11.69 -26.23
CA ALA B 23 -5.21 -12.15 -26.42
C ALA B 23 -5.01 -13.48 -25.70
N LEU B 24 -5.67 -13.64 -24.55
CA LEU B 24 -5.58 -14.88 -23.79
C LEU B 24 -6.30 -15.97 -24.57
N GLU B 25 -7.44 -15.60 -25.19
CA GLU B 25 -8.24 -16.54 -25.99
C GLU B 25 -7.35 -17.16 -27.05
N LEU B 26 -6.64 -16.31 -27.79
CA LEU B 26 -5.75 -16.75 -28.85
C LEU B 26 -4.61 -17.64 -28.33
N ARG B 27 -3.92 -17.16 -27.31
CA ARG B 27 -2.82 -17.94 -26.74
C ARG B 27 -3.34 -19.32 -26.38
N ARG B 28 -4.50 -19.35 -25.75
CA ARG B 28 -5.12 -20.59 -25.31
C ARG B 28 -5.44 -21.50 -26.48
N GLN B 29 -5.75 -20.91 -27.64
CA GLN B 29 -6.04 -21.73 -28.80
C GLN B 29 -4.80 -21.89 -29.66
N GLY B 30 -3.65 -21.76 -28.98
CA GLY B 30 -2.34 -21.92 -29.58
C GLY B 30 -1.76 -20.88 -30.51
N VAL B 31 -2.29 -19.66 -30.52
CA VAL B 31 -1.76 -18.62 -31.40
C VAL B 31 -0.51 -18.03 -30.78
N ASP B 32 0.53 -17.89 -31.59
CA ASP B 32 1.76 -17.30 -31.11
C ASP B 32 1.67 -15.79 -31.23
N LEU B 33 1.68 -15.13 -30.08
CA LEU B 33 1.62 -13.68 -30.03
C LEU B 33 2.95 -13.13 -29.54
N VAL B 34 3.37 -12.03 -30.17
CA VAL B 34 4.57 -11.30 -29.78
C VAL B 34 3.96 -10.16 -28.99
N ALA B 35 4.33 -10.02 -27.72
CA ALA B 35 3.77 -8.93 -26.92
C ALA B 35 4.65 -7.70 -26.81
N LEU B 36 4.08 -6.55 -27.17
CA LEU B 36 4.74 -5.25 -27.08
C LEU B 36 3.88 -4.42 -26.10
N THR B 37 3.44 -5.05 -25.03
CA THR B 37 2.57 -4.42 -24.07
C THR B 37 3.19 -4.08 -22.71
N ALA B 38 4.34 -4.69 -22.41
CA ALA B 38 5.00 -4.50 -21.13
C ALA B 38 5.17 -3.07 -20.63
N GLY B 39 4.89 -2.89 -19.33
CA GLY B 39 5.05 -1.60 -18.67
C GLY B 39 6.19 -1.67 -17.65
N GLU B 40 7.08 -2.65 -17.83
CA GLU B 40 8.22 -2.87 -16.93
C GLU B 40 9.43 -3.41 -17.68
N PRO B 41 10.65 -3.17 -17.14
CA PRO B 41 11.90 -3.64 -17.75
C PRO B 41 11.87 -5.16 -17.93
N ASP B 42 12.49 -5.62 -19.00
CA ASP B 42 12.58 -7.06 -19.24
C ASP B 42 13.73 -7.67 -18.42
N PHE B 43 14.69 -6.82 -18.03
CA PHE B 43 15.86 -7.22 -17.22
C PHE B 43 15.43 -7.57 -15.77
N ASP B 44 16.17 -8.45 -15.12
CA ASP B 44 15.89 -8.80 -13.72
C ASP B 44 16.54 -7.74 -12.84
N THR B 45 16.15 -7.64 -11.56
CA THR B 45 16.77 -6.66 -10.68
C THR B 45 18.26 -7.01 -10.50
N PRO B 46 19.14 -6.00 -10.52
CA PRO B 46 20.58 -6.27 -10.35
C PRO B 46 20.95 -7.01 -9.05
N GLU B 47 22.02 -7.80 -9.13
CA GLU B 47 22.52 -8.61 -8.01
C GLU B 47 22.92 -7.87 -6.74
N HIS B 48 23.45 -6.66 -6.85
CA HIS B 48 23.83 -5.94 -5.63
C HIS B 48 22.59 -5.64 -4.81
N VAL B 49 21.47 -5.40 -5.50
CA VAL B 49 20.21 -5.13 -4.81
C VAL B 49 19.65 -6.44 -4.25
N LYS B 50 19.72 -7.53 -5.04
CA LYS B 50 19.25 -8.83 -4.54
C LYS B 50 20.05 -9.26 -3.30
N GLU B 51 21.37 -9.05 -3.36
CA GLU B 51 22.26 -9.42 -2.29
C GLU B 51 21.94 -8.67 -1.01
N ALA B 52 21.53 -7.41 -1.14
CA ALA B 52 21.19 -6.57 0.00
C ALA B 52 19.91 -7.08 0.65
N ALA B 53 19.03 -7.67 -0.16
CA ALA B 53 17.77 -8.24 0.34
C ALA B 53 18.12 -9.50 1.17
N ARG B 54 19.04 -10.30 0.65
CA ARG B 54 19.48 -11.51 1.33
C ARG B 54 20.10 -11.19 2.71
N ARG B 55 20.92 -10.13 2.75
CA ARG B 55 21.54 -9.70 4.01
C ARG B 55 20.48 -9.24 5.02
N ALA B 56 19.48 -8.50 4.54
CA ALA B 56 18.41 -8.00 5.38
C ALA B 56 17.64 -9.18 5.99
N LEU B 57 17.42 -10.21 5.20
CA LEU B 57 16.73 -11.42 5.67
C LEU B 57 17.55 -12.10 6.79
N ALA B 58 18.83 -12.25 6.54
CA ALA B 58 19.74 -12.90 7.48
C ALA B 58 19.91 -12.07 8.75
N GLN B 59 19.70 -10.78 8.65
CA GLN B 59 19.86 -9.92 9.79
C GLN B 59 18.55 -9.71 10.48
N GLY B 60 17.54 -10.46 10.04
CA GLY B 60 16.21 -10.38 10.64
C GLY B 60 15.55 -9.02 10.66
N LYS B 61 15.72 -8.26 9.58
CA LYS B 61 15.09 -6.94 9.45
C LYS B 61 13.70 -7.19 8.84
N THR B 62 12.86 -7.80 9.67
CA THR B 62 11.53 -8.22 9.27
C THR B 62 10.41 -7.59 10.09
N LYS B 63 10.71 -6.49 10.76
CA LYS B 63 9.78 -5.79 11.62
C LYS B 63 9.19 -4.54 10.98
N TYR B 64 8.15 -3.99 11.60
CA TYR B 64 7.50 -2.76 11.12
C TYR B 64 8.51 -1.63 11.01
N ALA B 65 8.42 -0.88 9.90
CA ALA B 65 9.28 0.29 9.65
C ALA B 65 8.42 1.55 9.93
N PRO B 66 9.04 2.72 10.16
CA PRO B 66 8.26 3.94 10.42
C PRO B 66 7.40 4.23 9.17
N PRO B 67 6.26 4.93 9.33
CA PRO B 67 5.36 5.26 8.21
C PRO B 67 5.99 5.94 7.02
N ALA B 68 6.95 6.83 7.26
CA ALA B 68 7.62 7.56 6.18
C ALA B 68 8.84 6.85 5.62
N GLY B 69 9.11 5.68 6.17
CA GLY B 69 10.25 4.88 5.75
C GLY B 69 11.38 4.85 6.75
N ILE B 70 12.25 3.88 6.55
CA ILE B 70 13.44 3.68 7.35
C ILE B 70 14.30 4.95 7.28
N PRO B 71 14.75 5.48 8.44
CA PRO B 71 15.57 6.71 8.44
C PRO B 71 16.81 6.69 7.52
N GLU B 72 17.50 5.56 7.46
CA GLU B 72 18.66 5.41 6.60
C GLU B 72 18.29 5.74 5.16
N LEU B 73 17.16 5.18 4.70
CA LEU B 73 16.72 5.38 3.32
C LEU B 73 16.30 6.84 3.10
N ARG B 74 15.69 7.46 4.10
CA ARG B 74 15.28 8.86 3.96
C ARG B 74 16.51 9.77 3.78
N GLU B 75 17.60 9.43 4.47
CA GLU B 75 18.83 10.19 4.36
C GLU B 75 19.42 9.95 2.99
N ALA B 76 19.39 8.70 2.54
CA ALA B 76 19.93 8.37 1.22
C ALA B 76 19.10 9.08 0.11
N LEU B 77 17.80 9.22 0.34
CA LEU B 77 16.89 9.88 -0.59
C LEU B 77 17.24 11.36 -0.69
N ALA B 78 17.48 12.02 0.46
CA ALA B 78 17.82 13.44 0.46
C ALA B 78 19.08 13.67 -0.35
N GLU B 79 20.04 12.75 -0.29
CA GLU B 79 21.28 12.86 -1.06
C GLU B 79 21.07 12.67 -2.56
N LYS B 80 20.26 11.67 -2.91
CA LYS B 80 19.96 11.34 -4.32
C LYS B 80 19.25 12.52 -4.99
N PHE B 81 18.24 13.08 -4.32
CA PHE B 81 17.48 14.20 -4.88
C PHE B 81 18.34 15.43 -5.04
N ARG B 82 19.30 15.63 -4.15
CA ARG B 82 20.14 16.79 -4.30
C ARG B 82 21.23 16.55 -5.35
N ARG B 83 21.92 15.41 -5.22
CA ARG B 83 23.01 15.04 -6.10
C ARG B 83 22.60 14.80 -7.57
N GLU B 84 21.52 14.07 -7.77
CA GLU B 84 21.07 13.76 -9.11
C GLU B 84 20.13 14.78 -9.65
N ASN B 85 19.27 15.32 -8.80
CA ASN B 85 18.26 16.25 -9.32
C ASN B 85 18.39 17.71 -9.02
N GLY B 86 19.39 18.08 -8.23
CA GLY B 86 19.58 19.49 -7.92
C GLY B 86 18.49 20.03 -7.04
N LEU B 87 17.79 19.15 -6.31
CA LEU B 87 16.71 19.50 -5.38
C LEU B 87 17.22 19.77 -3.94
N SER B 88 16.85 20.91 -3.37
CA SER B 88 17.26 21.26 -2.01
C SER B 88 16.26 20.73 -0.98
N VAL B 89 16.44 19.46 -0.59
CA VAL B 89 15.55 18.84 0.36
C VAL B 89 16.29 18.20 1.53
N THR B 90 15.62 18.21 2.70
CA THR B 90 16.14 17.60 3.89
C THR B 90 15.53 16.19 3.98
N PRO B 91 16.09 15.34 4.87
CA PRO B 91 15.58 13.97 5.04
C PRO B 91 14.10 13.93 5.47
N GLU B 92 13.65 14.97 6.17
CA GLU B 92 12.27 15.05 6.63
C GLU B 92 11.32 15.41 5.48
N GLU B 93 11.88 15.88 4.37
CA GLU B 93 11.06 16.24 3.22
C GLU B 93 11.10 15.13 2.18
N THR B 94 11.27 13.92 2.69
CA THR B 94 11.40 12.72 1.89
C THR B 94 10.46 11.63 2.41
N ILE B 95 9.95 10.77 1.53
CA ILE B 95 9.08 9.70 1.97
C ILE B 95 9.18 8.47 1.10
N VAL B 96 9.13 7.30 1.73
CA VAL B 96 9.17 6.04 1.02
C VAL B 96 7.71 5.51 0.99
N THR B 97 7.31 5.00 -0.17
CA THR B 97 5.95 4.50 -0.39
C THR B 97 5.91 3.13 -1.10
N VAL B 98 4.72 2.55 -1.17
CA VAL B 98 4.52 1.25 -1.83
C VAL B 98 4.37 1.58 -3.33
N GLY B 99 5.52 1.76 -3.97
CA GLY B 99 5.58 2.11 -5.38
C GLY B 99 5.34 3.60 -5.55
N GLY B 100 5.77 4.15 -6.68
CA GLY B 100 5.50 5.54 -6.95
C GLY B 100 3.99 5.78 -7.05
N LYS B 101 3.23 4.75 -7.42
CA LYS B 101 1.78 4.92 -7.53
C LYS B 101 1.17 5.27 -6.14
N GLN B 102 1.68 4.66 -5.06
CA GLN B 102 1.14 5.03 -3.75
C GLN B 102 1.51 6.45 -3.34
N ALA B 103 2.67 6.93 -3.78
CA ALA B 103 3.06 8.31 -3.50
C ALA B 103 2.05 9.27 -4.16
N LEU B 104 1.62 8.95 -5.38
CA LEU B 104 0.68 9.80 -6.10
C LEU B 104 -0.69 9.71 -5.45
N PHE B 105 -1.10 8.50 -5.11
CA PHE B 105 -2.40 8.28 -4.46
C PHE B 105 -2.48 9.03 -3.14
N ASN B 106 -1.46 8.86 -2.31
CA ASN B 106 -1.40 9.52 -1.01
C ASN B 106 -1.40 11.03 -1.15
N LEU B 107 -0.70 11.52 -2.17
CA LEU B 107 -0.59 12.93 -2.45
C LEU B 107 -1.98 13.55 -2.72
N PHE B 108 -2.74 12.94 -3.63
CA PHE B 108 -4.09 13.44 -3.95
C PHE B 108 -5.05 13.35 -2.77
N GLN B 109 -4.96 12.28 -1.97
CA GLN B 109 -5.79 12.14 -0.77
C GLN B 109 -5.44 13.26 0.24
N ALA B 110 -4.18 13.71 0.20
CA ALA B 110 -3.64 14.75 1.09
C ALA B 110 -3.88 16.18 0.66
N ILE B 111 -4.13 16.41 -0.63
CA ILE B 111 -4.36 17.78 -1.11
C ILE B 111 -5.68 18.10 -1.79
N LEU B 112 -6.47 17.08 -2.17
CA LEU B 112 -7.74 17.31 -2.84
C LEU B 112 -8.99 17.18 -2.01
N ASP B 113 -9.80 18.22 -2.05
CA ASP B 113 -11.11 18.23 -1.42
C ASP B 113 -12.05 18.10 -2.63
N PRO B 114 -13.23 17.51 -2.43
CA PRO B 114 -14.18 17.37 -3.56
C PRO B 114 -14.39 18.70 -4.29
N GLY B 115 -14.33 18.69 -5.62
CA GLY B 115 -14.48 19.91 -6.38
C GLY B 115 -13.15 20.53 -6.80
N ASP B 116 -12.06 20.17 -6.14
CA ASP B 116 -10.74 20.69 -6.50
C ASP B 116 -10.34 20.18 -7.88
N GLU B 117 -9.77 21.07 -8.69
CA GLU B 117 -9.36 20.74 -10.04
C GLU B 117 -7.90 20.40 -10.24
N VAL B 118 -7.66 19.34 -11.01
CA VAL B 118 -6.30 18.95 -11.32
C VAL B 118 -6.13 18.93 -12.85
N ILE B 119 -5.11 19.63 -13.33
CA ILE B 119 -4.82 19.67 -14.76
C ILE B 119 -3.92 18.51 -15.15
N VAL B 120 -4.40 17.72 -16.11
CA VAL B 120 -3.71 16.56 -16.63
C VAL B 120 -3.39 16.85 -18.12
N LEU B 121 -2.22 16.39 -18.59
CA LEU B 121 -1.80 16.57 -19.98
C LEU B 121 -1.92 15.25 -20.73
N SER B 122 -2.80 15.20 -21.72
CA SER B 122 -2.98 13.97 -22.51
C SER B 122 -2.01 13.96 -23.69
N PRO B 123 -1.56 12.77 -24.13
CA PRO B 123 -1.92 11.45 -23.58
C PRO B 123 -1.30 11.30 -22.17
N TYR B 124 -2.05 10.67 -21.26
CA TYR B 124 -1.60 10.52 -19.88
C TYR B 124 -1.61 9.09 -19.42
N TRP B 125 -0.86 8.85 -18.36
CA TRP B 125 -0.76 7.54 -17.73
C TRP B 125 -2.19 7.29 -17.22
N VAL B 126 -2.70 6.10 -17.52
CA VAL B 126 -4.07 5.71 -17.17
C VAL B 126 -4.49 6.02 -15.74
N SER B 127 -3.55 5.86 -14.80
CA SER B 127 -3.85 6.07 -13.38
C SER B 127 -4.11 7.47 -12.87
N TYR B 128 -3.56 8.50 -13.52
CA TYR B 128 -3.78 9.86 -13.03
C TYR B 128 -5.25 10.29 -12.89
N PRO B 129 -6.07 10.20 -13.98
CA PRO B 129 -7.47 10.62 -13.80
C PRO B 129 -8.31 9.83 -12.79
N GLU B 130 -7.99 8.55 -12.64
CA GLU B 130 -8.71 7.72 -11.72
C GLU B 130 -8.43 8.09 -10.28
N MET B 131 -7.16 8.38 -9.97
CA MET B 131 -6.77 8.75 -8.61
C MET B 131 -7.33 10.13 -8.29
N VAL B 132 -7.31 11.04 -9.25
CA VAL B 132 -7.87 12.37 -9.01
C VAL B 132 -9.39 12.26 -8.66
N ARG B 133 -10.12 11.52 -9.47
CA ARG B 133 -11.55 11.36 -9.25
C ARG B 133 -11.87 10.64 -7.95
N PHE B 134 -11.07 9.65 -7.61
CA PHE B 134 -11.26 8.87 -6.39
C PHE B 134 -11.22 9.73 -5.13
N ALA B 135 -10.44 10.78 -5.17
CA ALA B 135 -10.31 11.70 -4.06
C ALA B 135 -11.35 12.84 -4.12
N GLY B 136 -12.28 12.75 -5.08
CA GLY B 136 -13.32 13.76 -5.23
C GLY B 136 -12.97 14.95 -6.11
N GLY B 137 -11.79 14.92 -6.72
CA GLY B 137 -11.35 16.01 -7.60
C GLY B 137 -11.97 16.00 -8.99
N VAL B 138 -11.68 17.04 -9.75
CA VAL B 138 -12.18 17.24 -11.11
C VAL B 138 -11.03 17.32 -12.07
N VAL B 139 -11.03 16.44 -13.05
CA VAL B 139 -9.99 16.38 -14.07
C VAL B 139 -10.20 17.45 -15.18
N VAL B 140 -9.17 18.26 -15.43
CA VAL B 140 -9.24 19.27 -16.49
C VAL B 140 -8.07 18.95 -17.41
N GLU B 141 -8.41 18.38 -18.55
CA GLU B 141 -7.43 17.94 -19.53
C GLU B 141 -6.91 19.01 -20.50
N VAL B 142 -5.62 18.95 -20.76
CA VAL B 142 -4.98 19.86 -21.69
C VAL B 142 -4.29 18.91 -22.64
N GLU B 143 -4.46 19.17 -23.93
CA GLU B 143 -3.92 18.35 -24.98
C GLU B 143 -2.53 18.71 -25.45
N THR B 144 -1.69 17.69 -25.66
CA THR B 144 -0.37 17.89 -26.24
C THR B 144 -0.50 17.27 -27.64
N LEU B 145 0.16 17.86 -28.63
CA LEU B 145 0.02 17.39 -30.00
C LEU B 145 1.22 16.67 -30.58
N PRO B 146 0.95 15.64 -31.40
CA PRO B 146 1.97 14.82 -32.07
C PRO B 146 2.91 15.68 -32.92
N GLU B 147 2.36 16.72 -33.56
CA GLU B 147 3.15 17.63 -34.39
C GLU B 147 4.01 18.56 -33.57
N GLU B 148 3.76 18.57 -32.27
CA GLU B 148 4.56 19.36 -31.35
C GLU B 148 5.38 18.36 -30.54
N GLY B 149 5.45 17.13 -31.03
CA GLY B 149 6.19 16.09 -30.37
C GLY B 149 5.65 15.75 -28.98
N PHE B 150 4.36 15.96 -28.75
CA PHE B 150 3.74 15.70 -27.45
C PHE B 150 4.34 16.49 -26.28
N VAL B 151 4.90 17.67 -26.59
CA VAL B 151 5.47 18.54 -25.57
C VAL B 151 4.40 19.59 -25.26
N PRO B 152 4.11 19.83 -23.97
CA PRO B 152 3.08 20.83 -23.67
C PRO B 152 3.42 22.26 -24.06
N ASP B 153 2.40 22.96 -24.54
CA ASP B 153 2.53 24.37 -24.89
C ASP B 153 2.02 25.10 -23.64
N PRO B 154 2.91 25.85 -22.93
CA PRO B 154 2.52 26.57 -21.70
C PRO B 154 1.28 27.48 -21.84
N GLU B 155 1.04 27.98 -23.05
CA GLU B 155 -0.11 28.86 -23.25
C GLU B 155 -1.42 28.09 -23.26
N ARG B 156 -1.37 26.83 -23.69
CA ARG B 156 -2.55 25.99 -23.70
C ARG B 156 -2.87 25.55 -22.27
N VAL B 157 -1.84 25.39 -21.44
CA VAL B 157 -2.02 24.99 -20.04
C VAL B 157 -2.62 26.17 -19.29
N ARG B 158 -2.20 27.38 -19.69
CA ARG B 158 -2.65 28.65 -19.13
C ARG B 158 -4.19 28.80 -19.19
N ARG B 159 -4.76 28.38 -20.30
CA ARG B 159 -6.20 28.43 -20.49
C ARG B 159 -7.00 27.50 -19.58
N ALA B 160 -6.36 26.46 -19.03
CA ALA B 160 -7.05 25.49 -18.18
C ALA B 160 -7.05 25.83 -16.68
N ILE B 161 -6.34 26.92 -16.31
CA ILE B 161 -6.26 27.33 -14.92
C ILE B 161 -7.47 28.18 -14.51
N THR B 162 -8.08 27.79 -13.40
CA THR B 162 -9.24 28.48 -12.83
C THR B 162 -8.94 28.70 -11.34
N PRO B 163 -9.80 29.42 -10.63
CA PRO B 163 -9.50 29.62 -9.20
C PRO B 163 -9.58 28.33 -8.35
N ARG B 164 -10.11 27.25 -8.92
CA ARG B 164 -10.21 25.98 -8.23
C ARG B 164 -9.04 25.07 -8.57
N THR B 165 -8.09 25.54 -9.37
CA THR B 165 -6.95 24.70 -9.72
C THR B 165 -6.11 24.39 -8.48
N LYS B 166 -5.92 23.09 -8.21
CA LYS B 166 -5.12 22.62 -7.05
C LYS B 166 -3.75 22.10 -7.41
N ALA B 167 -3.67 21.44 -8.55
CA ALA B 167 -2.44 20.84 -9.00
C ALA B 167 -2.39 20.68 -10.53
N LEU B 168 -1.19 20.52 -11.06
CA LEU B 168 -0.91 20.27 -12.47
C LEU B 168 0.06 19.08 -12.45
N VAL B 169 -0.26 18.00 -13.18
CA VAL B 169 0.57 16.82 -13.23
C VAL B 169 1.42 16.84 -14.50
N VAL B 170 2.74 16.70 -14.34
CA VAL B 170 3.68 16.67 -15.47
C VAL B 170 4.49 15.37 -15.31
N ASN B 171 4.67 14.66 -16.42
CA ASN B 171 5.37 13.39 -16.45
C ASN B 171 6.39 13.37 -17.58
N SER B 172 7.65 13.63 -17.23
CA SER B 172 8.76 13.62 -18.20
C SER B 172 9.98 12.91 -17.58
N PRO B 173 10.56 11.88 -18.25
CA PRO B 173 10.13 11.32 -19.55
C PRO B 173 8.69 10.75 -19.44
N ASN B 174 7.92 10.85 -20.53
CA ASN B 174 6.53 10.47 -20.54
C ASN B 174 6.11 9.06 -20.93
N ASN B 175 5.11 8.57 -20.20
CA ASN B 175 4.43 7.32 -20.46
C ASN B 175 3.00 7.85 -20.80
N PRO B 176 2.45 7.52 -21.98
CA PRO B 176 2.88 6.70 -23.12
C PRO B 176 3.71 7.27 -24.28
N THR B 177 3.95 8.58 -24.34
CA THR B 177 4.63 9.14 -25.50
C THR B 177 6.16 9.00 -25.63
N GLY B 178 6.88 8.86 -24.52
CA GLY B 178 8.32 8.75 -24.59
C GLY B 178 9.00 10.09 -24.79
N ALA B 179 8.22 11.17 -24.71
CA ALA B 179 8.76 12.52 -24.88
C ALA B 179 9.44 13.03 -23.63
N VAL B 180 10.51 13.79 -23.86
CA VAL B 180 11.27 14.43 -22.80
C VAL B 180 11.05 15.92 -23.00
N TYR B 181 10.52 16.57 -21.97
CA TYR B 181 10.24 17.99 -22.06
C TYR B 181 11.48 18.84 -21.77
N PRO B 182 11.73 19.85 -22.61
CA PRO B 182 12.88 20.73 -22.42
C PRO B 182 12.78 21.56 -21.13
N LYS B 183 13.92 21.92 -20.56
CA LYS B 183 13.90 22.70 -19.32
C LYS B 183 13.13 24.00 -19.44
N GLU B 184 13.17 24.66 -20.58
CA GLU B 184 12.41 25.90 -20.71
C GLU B 184 10.91 25.69 -20.55
N VAL B 185 10.38 24.56 -21.02
CA VAL B 185 8.95 24.27 -20.89
C VAL B 185 8.62 23.99 -19.43
N LEU B 186 9.49 23.23 -18.79
CA LEU B 186 9.32 22.85 -17.40
C LEU B 186 9.42 24.07 -16.45
N GLU B 187 10.28 25.04 -16.80
CA GLU B 187 10.45 26.24 -16.01
C GLU B 187 9.19 27.07 -16.22
N ALA B 188 8.64 27.06 -17.43
CA ALA B 188 7.43 27.82 -17.74
C ALA B 188 6.24 27.32 -16.93
N LEU B 189 6.12 25.99 -16.83
CA LEU B 189 5.05 25.34 -16.06
C LEU B 189 5.21 25.67 -14.57
N ALA B 190 6.45 25.64 -14.09
CA ALA B 190 6.73 25.98 -12.69
C ALA B 190 6.37 27.46 -12.41
N ARG B 191 6.57 28.36 -13.37
CA ARG B 191 6.20 29.77 -13.11
C ARG B 191 4.69 29.87 -13.00
N LEU B 192 3.95 29.08 -13.77
CA LEU B 192 2.50 29.13 -13.67
C LEU B 192 2.04 28.72 -12.28
N ALA B 193 2.65 27.69 -11.71
CA ALA B 193 2.29 27.21 -10.36
C ALA B 193 2.54 28.27 -9.28
N VAL B 194 3.65 28.98 -9.44
CA VAL B 194 4.00 30.01 -8.49
C VAL B 194 3.09 31.23 -8.65
N GLU B 195 2.76 31.56 -9.90
CA GLU B 195 1.92 32.73 -10.19
C GLU B 195 0.49 32.57 -9.79
N HIS B 196 -0.02 31.37 -10.04
CA HIS B 196 -1.41 31.02 -9.76
C HIS B 196 -1.59 30.23 -8.47
N ASP B 197 -0.50 30.00 -7.77
CA ASP B 197 -0.53 29.30 -6.49
C ASP B 197 -1.15 27.92 -6.43
N PHE B 198 -0.55 26.96 -7.09
CA PHE B 198 -1.04 25.59 -7.02
C PHE B 198 0.20 24.67 -6.98
N TYR B 199 -0.03 23.38 -6.82
CA TYR B 199 1.07 22.44 -6.75
C TYR B 199 1.40 21.89 -8.12
N LEU B 200 2.68 21.70 -8.38
CA LEU B 200 3.12 21.11 -9.61
C LEU B 200 3.56 19.72 -9.15
N VAL B 201 2.99 18.68 -9.75
CA VAL B 201 3.31 17.27 -9.41
C VAL B 201 4.18 16.73 -10.53
N SER B 202 5.46 16.50 -10.25
CA SER B 202 6.39 16.02 -11.28
C SER B 202 6.65 14.54 -11.13
N ASP B 203 6.19 13.75 -12.10
CA ASP B 203 6.37 12.31 -12.07
C ASP B 203 7.64 12.01 -12.91
N GLU B 204 8.74 11.85 -12.18
CA GLU B 204 10.03 11.61 -12.78
C GLU B 204 10.59 10.17 -12.72
N ILE B 205 9.76 9.11 -12.56
CA ILE B 205 10.31 7.71 -12.50
C ILE B 205 11.14 7.23 -13.70
N TYR B 206 11.00 7.83 -14.88
CA TYR B 206 11.81 7.39 -16.03
C TYR B 206 13.07 8.23 -16.18
N GLU B 207 13.42 9.02 -15.17
CA GLU B 207 14.60 9.89 -15.29
C GLU B 207 15.88 9.26 -15.85
N HIS B 208 16.18 8.01 -15.49
CA HIS B 208 17.38 7.36 -15.97
C HIS B 208 17.27 6.68 -17.31
N LEU B 209 16.04 6.62 -17.85
CA LEU B 209 15.85 5.98 -19.14
C LEU B 209 15.74 7.17 -20.12
N LEU B 210 16.89 7.76 -20.40
CA LEU B 210 16.99 8.93 -21.26
C LEU B 210 18.05 8.70 -22.37
N TYR B 211 17.66 8.93 -23.61
CA TYR B 211 18.55 8.72 -24.73
C TYR B 211 19.13 10.02 -25.26
N GLU B 212 18.33 11.08 -25.22
CA GLU B 212 18.83 12.39 -25.61
C GLU B 212 18.19 13.52 -24.80
N GLY B 213 18.97 14.59 -24.64
CA GLY B 213 18.54 15.74 -23.88
C GLY B 213 18.94 15.55 -22.42
N GLU B 214 18.45 16.43 -21.55
CA GLU B 214 18.73 16.39 -20.12
C GLU B 214 17.44 16.29 -19.33
N HIS B 215 17.50 15.62 -18.18
CA HIS B 215 16.33 15.49 -17.32
C HIS B 215 16.38 16.66 -16.33
N PHE B 216 15.44 17.59 -16.46
CA PHE B 216 15.40 18.73 -15.57
C PHE B 216 14.27 18.52 -14.56
N SER B 217 14.48 18.89 -13.29
CA SER B 217 13.45 18.72 -12.26
C SER B 217 12.96 20.12 -11.91
N PRO B 218 11.64 20.38 -12.10
CA PRO B 218 10.99 21.68 -11.82
C PRO B 218 11.17 22.14 -10.36
N GLY B 219 11.43 21.20 -9.46
CA GLY B 219 11.63 21.55 -8.06
C GLY B 219 12.87 22.40 -7.83
N ARG B 220 13.77 22.46 -8.81
CA ARG B 220 14.98 23.28 -8.75
C ARG B 220 14.66 24.76 -8.62
N VAL B 221 13.53 25.15 -9.20
CA VAL B 221 13.13 26.55 -9.19
C VAL B 221 11.91 26.88 -8.32
N ALA B 222 11.06 25.91 -8.06
CA ALA B 222 9.89 26.17 -7.24
C ALA B 222 9.70 25.03 -6.23
N PRO B 223 10.65 24.87 -5.30
CA PRO B 223 10.55 23.79 -4.30
C PRO B 223 9.32 23.77 -3.38
N GLU B 224 8.78 24.93 -3.04
CA GLU B 224 7.60 24.98 -2.18
C GLU B 224 6.28 24.69 -2.90
N HIS B 225 6.33 24.61 -4.23
CA HIS B 225 5.13 24.31 -5.03
C HIS B 225 5.21 22.95 -5.67
N THR B 226 6.38 22.31 -5.63
CA THR B 226 6.58 21.05 -6.33
C THR B 226 6.73 19.81 -5.51
N LEU B 227 5.97 18.79 -5.89
CA LEU B 227 6.02 17.48 -5.26
C LEU B 227 6.62 16.55 -6.29
N THR B 228 7.86 16.14 -6.06
CA THR B 228 8.60 15.25 -6.96
C THR B 228 8.38 13.77 -6.63
N VAL B 229 7.85 13.03 -7.61
CA VAL B 229 7.57 11.63 -7.45
C VAL B 229 8.57 10.81 -8.27
N ASN B 230 9.05 9.73 -7.68
CA ASN B 230 10.04 8.89 -8.33
C ASN B 230 9.92 7.48 -7.70
N GLY B 231 10.92 6.63 -7.93
CA GLY B 231 10.89 5.28 -7.39
C GLY B 231 11.95 4.41 -8.03
N ALA B 232 12.10 3.20 -7.53
CA ALA B 232 13.08 2.23 -8.01
C ALA B 232 12.57 1.33 -9.15
N ALA B 233 11.25 1.25 -9.33
CA ALA B 233 10.67 0.33 -10.29
C ALA B 233 11.22 0.29 -11.71
N1 LLP B 234 4.26 6.89 -13.10
C2 LLP B 234 4.46 6.33 -14.35
C2' LLP B 234 4.11 7.10 -15.60
C3 LLP B 234 4.93 5.05 -14.47
O3 LLP B 234 4.93 4.46 -15.65
C4 LLP B 234 5.23 4.36 -13.28
C4' LLP B 234 5.91 3.02 -13.37
C5 LLP B 234 5.04 4.98 -12.04
C6 LLP B 234 4.54 6.23 -11.96
C5' LLP B 234 5.27 4.30 -10.69
OP4 LLP B 234 5.37 2.85 -10.68
P LLP B 234 5.48 1.95 -9.34
OP1 LLP B 234 6.63 2.53 -8.70
OP2 LLP B 234 5.73 0.59 -9.91
OP3 LLP B 234 4.19 2.05 -8.62
N LLP B 234 11.28 1.45 -12.37
CA LLP B 234 11.71 1.49 -13.77
CB LLP B 234 10.99 2.65 -14.49
CG LLP B 234 9.47 2.68 -14.22
CD LLP B 234 8.75 1.45 -14.85
CE LLP B 234 7.26 1.27 -14.39
NZ LLP B 234 6.57 2.57 -14.45
C LLP B 234 13.23 1.54 -14.03
O LLP B 234 13.73 0.86 -14.92
N ALA B 235 13.95 2.32 -13.23
CA ALA B 235 15.38 2.45 -13.40
C ALA B 235 16.17 1.21 -12.96
N PHE B 236 15.67 0.50 -11.96
CA PHE B 236 16.39 -0.66 -11.44
C PHE B 236 15.69 -2.01 -11.61
N ALA B 237 14.73 -2.04 -12.52
CA ALA B 237 13.95 -3.26 -12.80
C ALA B 237 13.41 -3.85 -11.49
N MET B 238 12.80 -2.98 -10.68
CA MET B 238 12.25 -3.37 -9.38
C MET B 238 10.72 -3.17 -9.26
N THR B 239 10.00 -3.43 -10.36
CA THR B 239 8.54 -3.27 -10.33
C THR B 239 7.84 -4.12 -9.24
N GLY B 240 8.25 -5.37 -9.08
CA GLY B 240 7.63 -6.24 -8.11
C GLY B 240 7.97 -5.98 -6.65
N TRP B 241 8.98 -5.14 -6.41
CA TRP B 241 9.42 -4.81 -5.05
C TRP B 241 8.53 -3.82 -4.36
N ARG B 242 7.84 -2.97 -5.14
CA ARG B 242 6.90 -1.94 -4.64
C ARG B 242 7.55 -0.86 -3.74
N ILE B 243 8.57 -0.17 -4.26
CA ILE B 243 9.24 0.89 -3.53
C ILE B 243 9.28 2.15 -4.39
N GLY B 244 8.58 3.17 -3.92
CA GLY B 244 8.53 4.46 -4.60
C GLY B 244 9.00 5.50 -3.58
N TYR B 245 9.27 6.73 -4.02
CA TYR B 245 9.70 7.78 -3.10
C TYR B 245 9.33 9.10 -3.67
N ALA B 246 9.19 10.09 -2.79
CA ALA B 246 8.83 11.44 -3.20
C ALA B 246 9.49 12.43 -2.23
N CYS B 247 9.58 13.68 -2.67
CA CYS B 247 10.09 14.77 -1.85
C CYS B 247 9.29 16.00 -2.21
N GLY B 248 9.26 16.97 -1.29
CA GLY B 248 8.53 18.21 -1.51
C GLY B 248 8.32 18.96 -0.21
N PRO B 249 7.38 19.91 -0.17
CA PRO B 249 7.08 20.71 1.03
C PRO B 249 6.85 19.82 2.25
N LYS B 250 7.52 20.17 3.35
CA LYS B 250 7.43 19.42 4.60
C LYS B 250 5.99 19.07 5.04
N GLU B 251 5.10 20.07 5.05
CA GLU B 251 3.70 19.88 5.45
C GLU B 251 2.99 18.80 4.60
N VAL B 252 3.24 18.78 3.29
CA VAL B 252 2.64 17.79 2.40
C VAL B 252 3.22 16.38 2.62
N ILE B 253 4.54 16.27 2.77
CA ILE B 253 5.16 14.97 2.99
C ILE B 253 4.67 14.36 4.30
N LYS B 254 4.49 15.20 5.30
CA LYS B 254 4.01 14.78 6.62
C LYS B 254 2.60 14.25 6.49
N ALA B 255 1.77 14.98 5.77
CA ALA B 255 0.39 14.53 5.55
C ALA B 255 0.37 13.20 4.77
N MET B 256 1.24 13.05 3.78
CA MET B 256 1.31 11.81 2.99
C MET B 256 1.68 10.60 3.87
N ALA B 257 2.56 10.81 4.84
CA ALA B 257 2.97 9.75 5.77
C ALA B 257 1.79 9.38 6.70
N SER B 258 0.94 10.36 7.00
CA SER B 258 -0.24 10.10 7.84
C SER B 258 -1.21 9.22 7.06
N VAL B 259 -1.32 9.42 5.75
CA VAL B 259 -2.19 8.57 4.95
C VAL B 259 -1.63 7.15 4.92
N SER B 260 -0.31 7.00 4.75
CA SER B 260 0.32 5.68 4.77
C SER B 260 0.06 5.00 6.13
N SER B 261 0.14 5.75 7.22
CA SER B 261 -0.07 5.15 8.54
C SER B 261 -1.46 4.52 8.69
N GLN B 262 -2.47 5.14 8.08
CA GLN B 262 -3.84 4.60 8.15
C GLN B 262 -4.20 3.55 7.09
N SER B 263 -3.29 3.29 6.13
CA SER B 263 -3.57 2.35 5.05
C SER B 263 -2.61 1.20 4.92
N THR B 264 -1.33 1.47 4.77
CA THR B 264 -0.37 0.39 4.58
C THR B 264 0.67 0.26 5.70
N THR B 265 0.68 1.24 6.60
CA THR B 265 1.64 1.34 7.72
C THR B 265 3.01 1.82 7.16
N SER B 266 3.70 0.94 6.43
CA SER B 266 4.98 1.26 5.82
C SER B 266 5.31 0.19 4.77
N PRO B 267 6.09 0.53 3.72
CA PRO B 267 6.43 -0.49 2.72
C PRO B 267 7.25 -1.64 3.35
N ASP B 268 7.26 -2.79 2.68
CA ASP B 268 8.00 -4.00 3.08
C ASP B 268 9.41 -3.60 3.54
N THR B 269 9.79 -4.00 4.75
CA THR B 269 11.12 -3.65 5.31
C THR B 269 12.35 -4.16 4.54
N ILE B 270 12.26 -5.38 3.99
CA ILE B 270 13.36 -5.97 3.23
C ILE B 270 13.59 -5.20 1.92
N ALA B 271 12.49 -4.78 1.27
CA ALA B 271 12.56 -3.99 0.03
C ALA B 271 13.17 -2.61 0.31
N GLN B 272 12.91 -2.02 1.48
CA GLN B 272 13.49 -0.74 1.85
C GLN B 272 15.01 -0.89 1.97
N TRP B 273 15.46 -1.92 2.69
CA TRP B 273 16.89 -2.18 2.80
C TRP B 273 17.55 -2.48 1.44
N ALA B 274 16.86 -3.25 0.59
CA ALA B 274 17.41 -3.54 -0.72
C ALA B 274 17.52 -2.25 -1.55
N THR B 275 16.56 -1.33 -1.41
CA THR B 275 16.56 -0.09 -2.17
C THR B 275 17.67 0.82 -1.68
N LEU B 276 17.93 0.77 -0.38
CA LEU B 276 19.02 1.56 0.18
C LEU B 276 20.31 1.20 -0.56
N GLU B 277 20.56 -0.08 -0.86
CA GLU B 277 21.78 -0.48 -1.56
C GLU B 277 21.79 0.05 -3.00
N ALA B 278 20.61 0.16 -3.59
CA ALA B 278 20.50 0.69 -4.95
C ALA B 278 20.94 2.15 -4.97
N LEU B 279 20.64 2.86 -3.90
CA LEU B 279 21.01 4.26 -3.81
C LEU B 279 22.43 4.53 -3.31
N THR B 280 22.92 3.70 -2.39
CA THR B 280 24.25 3.89 -1.83
C THR B 280 25.37 3.35 -2.70
N ASN B 281 25.17 2.19 -3.34
CA ASN B 281 26.23 1.66 -4.21
C ASN B 281 26.01 2.21 -5.64
N GLN B 282 26.48 3.46 -5.83
CA GLN B 282 26.36 4.22 -7.08
C GLN B 282 27.10 3.57 -8.22
N GLU B 283 28.21 2.93 -7.89
CA GLU B 283 29.01 2.24 -8.90
C GLU B 283 28.26 1.08 -9.54
N ALA B 284 27.68 0.19 -8.73
CA ALA B 284 26.94 -0.95 -9.27
C ALA B 284 25.62 -0.52 -9.98
N SER B 285 24.94 0.46 -9.42
CA SER B 285 23.67 0.97 -10.00
C SER B 285 23.88 1.67 -11.34
N ARG B 286 24.95 2.46 -11.43
CA ARG B 286 25.34 3.17 -12.64
C ARG B 286 25.62 2.14 -13.75
N ALA B 287 26.31 1.06 -13.41
CA ALA B 287 26.61 -0.01 -14.36
C ALA B 287 25.31 -0.61 -14.90
N PHE B 288 24.32 -0.84 -14.04
CA PHE B 288 23.05 -1.40 -14.49
C PHE B 288 22.30 -0.40 -15.39
N VAL B 289 22.17 0.83 -14.97
CA VAL B 289 21.48 1.87 -15.74
C VAL B 289 22.12 2.10 -17.12
N GLU B 290 23.45 2.10 -17.20
CA GLU B 290 24.07 2.32 -18.48
C GLU B 290 23.89 1.12 -19.42
N MET B 291 23.88 -0.09 -18.85
CA MET B 291 23.68 -1.31 -19.62
C MET B 291 22.26 -1.33 -20.20
N ALA B 292 21.29 -1.00 -19.37
CA ALA B 292 19.89 -0.97 -19.76
C ALA B 292 19.63 0.13 -20.79
N ARG B 293 20.20 1.30 -20.56
CA ARG B 293 20.00 2.45 -21.44
C ARG B 293 20.55 2.18 -22.83
N GLU B 294 21.72 1.55 -22.91
CA GLU B 294 22.32 1.23 -24.20
C GLU B 294 21.47 0.20 -24.94
N ALA B 295 20.94 -0.79 -24.22
CA ALA B 295 20.12 -1.83 -24.81
C ALA B 295 18.80 -1.23 -25.36
N TYR B 296 18.12 -0.39 -24.57
CA TYR B 296 16.84 0.26 -24.95
C TYR B 296 17.02 1.16 -26.16
N ARG B 297 18.14 1.89 -26.19
CA ARG B 297 18.42 2.77 -27.31
C ARG B 297 18.52 1.99 -28.62
N ARG B 298 19.26 0.88 -28.59
CA ARG B 298 19.42 0.01 -29.75
C ARG B 298 18.06 -0.49 -30.20
N ARG B 299 17.25 -0.94 -29.25
CA ARG B 299 15.90 -1.44 -29.52
C ARG B 299 14.99 -0.35 -30.10
N ARG B 300 15.06 0.85 -29.54
CA ARG B 300 14.25 1.95 -30.03
C ARG B 300 14.61 2.25 -31.49
N ASP B 301 15.91 2.32 -31.79
CA ASP B 301 16.37 2.61 -33.15
C ASP B 301 15.92 1.57 -34.15
N LEU B 302 16.04 0.31 -33.78
CA LEU B 302 15.62 -0.80 -34.62
C LEU B 302 14.12 -0.65 -34.97
N LEU B 303 13.29 -0.51 -33.93
CA LEU B 303 11.85 -0.37 -34.08
C LEU B 303 11.49 0.84 -34.98
N LEU B 304 12.04 2.01 -34.68
CA LEU B 304 11.75 3.19 -35.47
C LEU B 304 12.13 3.06 -36.95
N GLU B 305 13.28 2.47 -37.27
CA GLU B 305 13.69 2.29 -38.66
C GLU B 305 12.63 1.46 -39.38
N GLY B 306 12.25 0.36 -38.74
CA GLY B 306 11.26 -0.53 -39.29
C GLY B 306 9.92 0.10 -39.55
N LEU B 307 9.38 0.84 -38.59
CA LEU B 307 8.10 1.52 -38.72
C LEU B 307 8.15 2.46 -39.91
N THR B 308 9.20 3.28 -39.96
CA THR B 308 9.42 4.24 -41.02
C THR B 308 9.41 3.60 -42.39
N ALA B 309 10.06 2.44 -42.50
CA ALA B 309 10.14 1.66 -43.73
C ALA B 309 8.73 1.22 -44.19
N LEU B 310 7.87 0.97 -43.22
CA LEU B 310 6.51 0.55 -43.53
C LEU B 310 5.59 1.73 -43.77
N GLY B 311 6.07 2.92 -43.48
CA GLY B 311 5.24 4.10 -43.65
C GLY B 311 4.39 4.44 -42.43
N LEU B 312 4.48 3.60 -41.39
CA LEU B 312 3.74 3.82 -40.14
C LEU B 312 4.36 5.00 -39.40
N LYS B 313 3.52 5.89 -38.87
CA LYS B 313 3.98 7.08 -38.15
C LYS B 313 4.11 6.91 -36.63
N ALA B 314 5.13 7.54 -36.07
CA ALA B 314 5.42 7.50 -34.64
C ALA B 314 6.36 8.65 -34.30
N VAL B 315 6.04 9.43 -33.26
CA VAL B 315 6.92 10.51 -32.87
C VAL B 315 8.09 9.81 -32.21
N ARG B 316 9.30 10.17 -32.60
CA ARG B 316 10.51 9.56 -32.04
C ARG B 316 10.58 9.87 -30.55
N PRO B 317 10.62 8.82 -29.70
CA PRO B 317 10.68 9.03 -28.26
C PRO B 317 12.10 9.34 -27.78
N SER B 318 12.23 10.20 -26.76
CA SER B 318 13.54 10.52 -26.20
C SER B 318 13.84 9.85 -24.83
N GLY B 319 12.83 9.22 -24.23
CA GLY B 319 12.96 8.59 -22.93
C GLY B 319 11.93 7.50 -22.71
N ALA B 320 12.07 6.79 -21.59
CA ALA B 320 11.21 5.67 -21.24
C ALA B 320 11.44 4.56 -22.30
N PHE B 321 10.49 3.64 -22.45
CA PHE B 321 10.61 2.55 -23.45
C PHE B 321 9.32 2.29 -24.25
N TYR B 322 8.65 3.38 -24.60
CA TYR B 322 7.39 3.33 -25.34
C TYR B 322 7.44 4.19 -26.59
N VAL B 323 6.59 3.83 -27.56
CA VAL B 323 6.46 4.56 -28.82
C VAL B 323 4.93 4.58 -29.11
N LEU B 324 4.37 5.75 -29.43
CA LEU B 324 2.94 5.83 -29.78
C LEU B 324 2.86 5.75 -31.30
N MET B 325 2.25 4.69 -31.83
CA MET B 325 2.13 4.51 -33.27
C MET B 325 0.73 4.80 -33.83
N ASP B 326 0.67 5.68 -34.83
CA ASP B 326 -0.58 6.05 -35.47
C ASP B 326 -1.14 4.80 -36.17
N THR B 327 -2.41 4.50 -35.93
CA THR B 327 -3.05 3.32 -36.51
C THR B 327 -4.01 3.56 -37.69
N SER B 328 -4.06 4.80 -38.17
CA SER B 328 -4.91 5.16 -39.30
C SER B 328 -4.85 4.17 -40.49
N PRO B 329 -3.63 3.84 -40.95
CA PRO B 329 -3.57 2.90 -42.07
C PRO B 329 -3.95 1.49 -41.74
N ILE B 330 -4.25 1.20 -40.47
CA ILE B 330 -4.62 -0.17 -40.08
C ILE B 330 -6.11 -0.31 -39.84
N ALA B 331 -6.71 0.68 -39.21
CA ALA B 331 -8.14 0.64 -38.91
C ALA B 331 -8.57 2.05 -38.58
N PRO B 332 -9.88 2.31 -38.63
CA PRO B 332 -10.44 3.64 -38.33
C PRO B 332 -10.31 4.11 -36.87
N ASP B 333 -9.95 3.19 -35.97
CA ASP B 333 -9.74 3.51 -34.55
C ASP B 333 -8.81 2.49 -33.89
N GLU B 334 -8.25 2.89 -32.73
CA GLU B 334 -7.30 2.12 -31.92
C GLU B 334 -7.71 0.73 -31.52
N VAL B 335 -8.94 0.61 -31.05
CA VAL B 335 -9.42 -0.66 -30.59
C VAL B 335 -9.51 -1.66 -31.73
N ARG B 336 -10.11 -1.24 -32.85
CA ARG B 336 -10.22 -2.08 -34.04
C ARG B 336 -8.80 -2.43 -34.51
N ALA B 337 -7.91 -1.44 -34.49
CA ALA B 337 -6.54 -1.62 -34.90
C ALA B 337 -5.85 -2.66 -34.05
N ALA B 338 -6.03 -2.52 -32.75
CA ALA B 338 -5.45 -3.45 -31.77
C ALA B 338 -5.92 -4.88 -32.03
N GLU B 339 -7.20 -5.04 -32.36
CA GLU B 339 -7.75 -6.36 -32.66
C GLU B 339 -7.19 -7.01 -33.93
N ARG B 340 -7.01 -6.22 -34.99
CA ARG B 340 -6.44 -6.74 -36.24
C ARG B 340 -5.02 -7.20 -36.00
N LEU B 341 -4.25 -6.39 -35.26
CA LEU B 341 -2.87 -6.72 -34.92
C LEU B 341 -2.82 -8.00 -34.09
N LEU B 342 -3.82 -8.22 -33.25
CA LEU B 342 -3.90 -9.44 -32.45
C LEU B 342 -4.02 -10.63 -33.39
N GLU B 343 -4.88 -10.50 -34.40
CA GLU B 343 -5.10 -11.54 -35.40
C GLU B 343 -3.85 -11.81 -36.27
N ALA B 344 -2.97 -10.82 -36.41
CA ALA B 344 -1.72 -10.96 -37.16
C ALA B 344 -0.57 -11.48 -36.26
N GLY B 345 -0.85 -11.68 -34.98
CA GLY B 345 0.14 -12.19 -34.05
C GLY B 345 0.87 -11.16 -33.20
N VAL B 346 0.39 -9.91 -33.14
CA VAL B 346 1.03 -8.88 -32.32
C VAL B 346 0.12 -8.23 -31.28
N ALA B 347 0.48 -8.36 -30.00
CA ALA B 347 -0.27 -7.74 -28.91
C ALA B 347 0.26 -6.32 -28.62
N VAL B 348 -0.60 -5.33 -28.69
CA VAL B 348 -0.22 -3.95 -28.41
C VAL B 348 -1.23 -3.36 -27.42
N VAL B 349 -0.97 -2.19 -26.87
CA VAL B 349 -1.89 -1.56 -25.93
C VAL B 349 -2.69 -0.46 -26.66
N PRO B 350 -4.02 -0.54 -26.68
CA PRO B 350 -4.70 0.54 -27.38
C PRO B 350 -4.55 1.89 -26.64
N GLY B 351 -4.52 2.99 -27.37
CA GLY B 351 -4.33 4.29 -26.74
C GLY B 351 -5.54 4.89 -26.05
N THR B 352 -6.67 4.19 -26.10
CA THR B 352 -7.94 4.66 -25.52
C THR B 352 -7.87 5.21 -24.09
N ASP B 353 -7.37 4.38 -23.18
CA ASP B 353 -7.25 4.70 -21.77
C ASP B 353 -6.33 5.88 -21.45
N PHE B 354 -5.37 6.16 -22.34
CA PHE B 354 -4.41 7.26 -22.17
C PHE B 354 -4.89 8.54 -22.84
N ALA B 355 -6.05 8.47 -23.53
CA ALA B 355 -6.59 9.61 -24.28
C ALA B 355 -5.74 9.85 -25.54
N ALA B 356 -5.15 8.76 -26.05
CA ALA B 356 -4.32 8.81 -27.27
C ALA B 356 -5.12 8.07 -28.33
N PHE B 357 -6.23 8.65 -28.74
CA PHE B 357 -7.09 8.04 -29.77
C PHE B 357 -6.33 7.99 -31.11
N GLY B 358 -6.58 6.96 -31.91
CA GLY B 358 -5.92 6.83 -33.19
C GLY B 358 -4.50 6.32 -33.09
N HIS B 359 -4.07 5.97 -31.87
CA HIS B 359 -2.71 5.45 -31.61
C HIS B 359 -2.75 4.22 -30.75
N VAL B 360 -1.65 3.50 -30.76
CA VAL B 360 -1.51 2.29 -29.98
C VAL B 360 -0.13 2.44 -29.33
N ARG B 361 0.03 2.02 -28.07
CA ARG B 361 1.34 2.15 -27.43
C ARG B 361 2.14 0.89 -27.64
N LEU B 362 3.35 1.03 -28.16
CA LEU B 362 4.23 -0.10 -28.37
C LEU B 362 5.32 0.02 -27.29
N SER B 363 5.71 -1.12 -26.74
CA SER B 363 6.75 -1.15 -25.71
C SER B 363 7.99 -1.92 -26.21
N TYR B 364 9.18 -1.33 -26.15
CA TYR B 364 10.37 -2.05 -26.60
C TYR B 364 11.22 -2.61 -25.47
N ALA B 365 10.58 -2.97 -24.38
CA ALA B 365 11.27 -3.59 -23.27
C ALA B 365 11.12 -5.09 -23.56
N THR B 366 11.59 -5.49 -24.75
CA THR B 366 11.62 -6.91 -25.24
C THR B 366 12.91 -7.08 -25.99
N SER B 367 13.17 -8.30 -26.40
CA SER B 367 14.38 -8.62 -27.14
C SER B 367 14.29 -8.13 -28.60
N GLU B 368 15.46 -7.99 -29.22
CA GLU B 368 15.54 -7.53 -30.60
C GLU B 368 14.85 -8.56 -31.47
N GLU B 369 15.03 -9.82 -31.10
CA GLU B 369 14.45 -10.95 -31.83
C GLU B 369 12.92 -10.83 -31.87
N ASN B 370 12.33 -10.36 -30.78
CA ASN B 370 10.89 -10.15 -30.72
C ASN B 370 10.45 -8.93 -31.51
N LEU B 371 11.30 -7.91 -31.54
CA LEU B 371 11.02 -6.69 -32.25
C LEU B 371 11.04 -6.91 -33.75
N ARG B 372 11.89 -7.82 -34.22
CA ARG B 372 11.93 -8.09 -35.65
C ARG B 372 10.74 -8.94 -36.08
N LYS B 373 10.28 -9.85 -35.22
CA LYS B 373 9.12 -10.68 -35.52
C LYS B 373 7.90 -9.80 -35.60
N ALA B 374 7.82 -8.81 -34.72
CA ALA B 374 6.68 -7.89 -34.71
C ALA B 374 6.61 -7.06 -35.99
N LEU B 375 7.76 -6.58 -36.48
CA LEU B 375 7.83 -5.79 -37.70
C LEU B 375 7.42 -6.62 -38.93
N GLU B 376 7.71 -7.92 -38.89
CA GLU B 376 7.32 -8.84 -39.97
C GLU B 376 5.80 -8.97 -40.04
N ARG B 377 5.19 -9.27 -38.90
CA ARG B 377 3.74 -9.42 -38.82
C ARG B 377 3.09 -8.09 -39.18
N PHE B 378 3.73 -6.98 -38.83
CA PHE B 378 3.18 -5.66 -39.16
C PHE B 378 3.13 -5.47 -40.68
N ALA B 379 4.16 -5.98 -41.35
CA ALA B 379 4.25 -5.89 -42.79
C ALA B 379 3.13 -6.69 -43.45
N ARG B 380 2.78 -7.85 -42.88
CA ARG B 380 1.70 -8.66 -43.42
C ARG B 380 0.42 -7.85 -43.44
N VAL B 381 0.06 -7.30 -42.28
CA VAL B 381 -1.14 -6.48 -42.12
C VAL B 381 -1.21 -5.35 -43.17
N LEU B 382 -0.04 -4.91 -43.62
CA LEU B 382 0.03 -3.83 -44.60
C LEU B 382 0.00 -4.31 -46.07
P PO4 C . -0.44 -2.24 17.36
O1 PO4 C . -0.53 -3.75 17.14
O2 PO4 C . 0.82 -1.90 18.12
O3 PO4 C . -0.40 -1.52 16.03
O4 PO4 C . -1.66 -1.82 18.14
P PO4 D . 1.78 0.78 -17.46
O1 PO4 D . 2.26 -0.24 -16.43
O2 PO4 D . 1.32 0.04 -18.68
O3 PO4 D . 0.61 1.60 -16.95
O4 PO4 D . 2.96 1.70 -17.71
#